data_8IS4
#
_entry.id   8IS4
#
_cell.length_a   68.388
_cell.length_b   107.986
_cell.length_c   120.571
_cell.angle_alpha   90.000
_cell.angle_beta   90.000
_cell.angle_gamma   90.000
#
_symmetry.space_group_name_H-M   'P 21 21 21'
#
loop_
_entity.id
_entity.type
_entity.pdbx_description
1 polymer 'Hydroxydechloroatrazine ethylaminohydrolase'
2 non-polymer 5-FLUOROURACIL
3 non-polymer 'ZINC ION'
4 non-polymer GLYCEROL
5 non-polymer 2-AMINO-2-HYDROXYMETHYL-PROPANE-1,3-DIOL
6 water water
#
_entity_poly.entity_id   1
_entity_poly.type   'polypeptide(L)'
_entity_poly.pdbx_seq_one_letter_code
;MHKRTLLFKNAELLVTMDDERREIRGGCLLVEGNRIVAVGGDELCAAPADEEIDLRGHIVIPGLINTHHHMFQSLTRVIP
DAQDGELFDWLNNLYPIWAGLTPEMIRISTQTAMAELMLSGCTTSSDHLYVYPNGCRLDDSIDGAREIGMRFHACRGSMS
VGRSKGGLPPDELVENEQAILEDSLRLIHSYHDAQRYSMLRIALAPCSPFSVSRELMVKTAQMAREQGVSLHTHLAENDS
DVSYSQTHFGMTPAQYAEDLGWVGSDVWHAHCVKLDRAGISLFARTGTGVAHCPCSNMRLASGIAPIRAMLDEGVSVGLG
VDGSASNDAGNMIAETRQAMLLQRVGFGPDAMNARQALEIATRGGAKVLNRDDIGYLATGMAADFVAFDLNTLNLAGAKH
DPLAALVFCTPGNVAFSVINGQVVIREGVLQTIDLPSVVQQHNRLACLLVNRHRL
;
_entity_poly.pdbx_strand_id   A,B
#
# COMPACT_ATOMS: atom_id res chain seq x y z
N LYS A 3 -18.51 -36.03 -6.94
CA LYS A 3 -17.91 -34.72 -6.62
C LYS A 3 -16.67 -34.45 -7.48
N ARG A 4 -16.53 -33.21 -7.91
CA ARG A 4 -15.44 -32.80 -8.79
C ARG A 4 -14.09 -32.88 -8.08
N THR A 5 -13.09 -33.36 -8.80
CA THR A 5 -11.72 -33.41 -8.30
C THR A 5 -10.86 -32.41 -9.08
N LEU A 6 -9.82 -31.89 -8.41
CA LEU A 6 -8.95 -30.87 -8.97
C LEU A 6 -7.53 -31.11 -8.50
N LEU A 7 -6.58 -31.10 -9.41
CA LEU A 7 -5.15 -31.16 -9.07
C LEU A 7 -4.51 -29.83 -9.43
N PHE A 8 -3.88 -29.19 -8.43
CA PHE A 8 -3.05 -28.00 -8.64
C PHE A 8 -1.60 -28.41 -8.49
N LYS A 9 -0.85 -28.39 -9.59
CA LYS A 9 0.45 -29.07 -9.56
C LYS A 9 1.60 -28.09 -9.78
N ASN A 10 2.74 -28.45 -9.19
CA ASN A 10 4.04 -27.87 -9.48
C ASN A 10 4.11 -26.39 -9.17
N ALA A 11 3.48 -25.96 -8.07
CA ALA A 11 3.70 -24.58 -7.63
C ALA A 11 5.18 -24.36 -7.34
N GLU A 12 5.69 -23.17 -7.70
CA GLU A 12 7.07 -22.85 -7.38
C GLU A 12 7.29 -22.91 -5.86
N LEU A 13 6.31 -22.41 -5.11
CA LEU A 13 6.28 -22.54 -3.66
C LEU A 13 4.84 -22.70 -3.21
N LEU A 14 4.57 -23.76 -2.46
CA LEU A 14 3.27 -23.99 -1.84
C LEU A 14 3.42 -23.70 -0.35
N VAL A 15 2.86 -22.57 0.09
CA VAL A 15 2.91 -22.17 1.49
C VAL A 15 1.69 -22.76 2.19
N THR A 16 1.91 -23.71 3.10
CA THR A 16 0.79 -24.40 3.71
C THR A 16 0.26 -23.71 4.96
N MET A 17 1.12 -23.04 5.73
CA MET A 17 0.74 -22.57 7.06
C MET A 17 0.30 -23.73 7.95
N ASP A 18 0.71 -24.97 7.64
CA ASP A 18 0.27 -26.12 8.44
C ASP A 18 1.06 -26.15 9.75
N ASP A 19 0.86 -27.21 10.55
CA ASP A 19 1.44 -27.25 11.89
C ASP A 19 2.97 -27.26 11.86
N GLU A 20 3.58 -27.69 10.76
CA GLU A 20 5.03 -27.59 10.60
C GLU A 20 5.44 -26.40 9.73
N ARG A 21 4.47 -25.54 9.38
CA ARG A 21 4.68 -24.40 8.47
C ARG A 21 5.43 -24.85 7.21
N ARG A 22 5.02 -25.97 6.63
CA ARG A 22 5.69 -26.43 5.42
C ARG A 22 5.53 -25.40 4.32
N GLU A 23 6.64 -25.17 3.61
CA GLU A 23 6.66 -24.37 2.39
C GLU A 23 7.32 -25.26 1.35
N ILE A 24 6.53 -25.83 0.44
CA ILE A 24 6.97 -26.93 -0.41
C ILE A 24 7.29 -26.42 -1.82
N ARG A 25 8.55 -26.57 -2.23
CA ARG A 25 8.91 -26.27 -3.62
C ARG A 25 8.35 -27.34 -4.53
N GLY A 26 7.70 -26.93 -5.62
CA GLY A 26 7.06 -27.91 -6.48
C GLY A 26 5.80 -28.49 -5.89
N GLY A 27 5.21 -27.82 -4.90
CA GLY A 27 4.12 -28.41 -4.16
C GLY A 27 2.86 -28.59 -5.00
N CYS A 28 2.06 -29.58 -4.62
CA CYS A 28 0.80 -29.91 -5.29
C CYS A 28 -0.32 -30.03 -4.27
N LEU A 29 -1.53 -29.80 -4.72
CA LEU A 29 -2.75 -29.85 -3.92
C LEU A 29 -3.80 -30.64 -4.67
N LEU A 30 -4.35 -31.67 -4.03
CA LEU A 30 -5.41 -32.48 -4.59
C LEU A 30 -6.70 -32.18 -3.84
N VAL A 31 -7.76 -31.85 -4.57
CA VAL A 31 -9.02 -31.40 -4.00
C VAL A 31 -10.14 -32.36 -4.41
N GLU A 32 -11.11 -32.57 -3.52
CA GLU A 32 -12.36 -33.21 -3.90
C GLU A 32 -13.50 -32.43 -3.28
N GLY A 33 -14.43 -31.96 -4.11
CA GLY A 33 -15.52 -31.16 -3.59
C GLY A 33 -15.00 -29.91 -2.92
N ASN A 34 -15.37 -29.70 -1.66
CA ASN A 34 -14.98 -28.49 -0.96
C ASN A 34 -13.72 -28.68 -0.11
N ARG A 35 -13.02 -29.80 -0.23
CA ARG A 35 -11.97 -30.08 0.74
C ARG A 35 -10.70 -30.60 0.08
N ILE A 36 -9.61 -30.41 0.84
CA ILE A 36 -8.29 -30.87 0.44
C ILE A 36 -8.17 -32.35 0.76
N VAL A 37 -7.87 -33.13 -0.27
CA VAL A 37 -7.61 -34.57 -0.14
C VAL A 37 -6.14 -34.83 0.18
N ALA A 38 -5.23 -34.07 -0.42
CA ALA A 38 -3.83 -34.33 -0.18
C ALA A 38 -3.01 -33.08 -0.45
N VAL A 39 -1.87 -32.98 0.24
CA VAL A 39 -0.91 -31.89 0.09
C VAL A 39 0.46 -32.54 0.01
N GLY A 40 1.26 -32.17 -0.99
CA GLY A 40 2.52 -32.88 -1.17
C GLY A 40 3.37 -32.33 -2.29
N GLY A 41 4.33 -33.14 -2.73
CA GLY A 41 5.18 -32.85 -3.86
C GLY A 41 4.72 -33.54 -5.14
N ASP A 42 5.67 -33.82 -6.03
CA ASP A 42 5.31 -34.37 -7.33
C ASP A 42 4.75 -35.79 -7.28
N GLU A 43 4.75 -36.44 -6.12
CA GLU A 43 4.11 -37.75 -6.06
C GLU A 43 2.63 -37.59 -6.38
N LEU A 44 2.08 -36.40 -6.08
CA LEU A 44 0.68 -36.08 -6.36
C LEU A 44 0.37 -35.97 -7.85
N CYS A 45 1.38 -35.80 -8.69
CA CYS A 45 1.13 -35.76 -10.13
C CYS A 45 0.54 -37.07 -10.64
N ALA A 46 0.73 -38.19 -9.93
CA ALA A 46 0.09 -39.42 -10.37
C ALA A 46 -1.38 -39.48 -9.97
N ALA A 47 -1.88 -38.45 -9.29
CA ALA A 47 -3.27 -38.47 -8.86
C ALA A 47 -4.17 -38.16 -10.04
N PRO A 48 -5.24 -38.90 -10.23
CA PRO A 48 -6.25 -38.53 -11.23
C PRO A 48 -7.11 -37.38 -10.74
N ALA A 49 -7.57 -36.57 -11.68
CA ALA A 49 -8.47 -35.48 -11.33
C ALA A 49 -9.23 -35.05 -12.57
N ASP A 50 -10.43 -34.50 -12.36
CA ASP A 50 -11.24 -34.02 -13.47
C ASP A 50 -10.53 -32.89 -14.22
N GLU A 51 -9.90 -31.98 -13.48
CA GLU A 51 -9.08 -30.94 -14.10
C GLU A 51 -7.75 -30.80 -13.36
N GLU A 52 -6.68 -30.60 -14.14
CA GLU A 52 -5.36 -30.25 -13.62
C GLU A 52 -5.07 -28.81 -13.99
N ILE A 53 -4.51 -28.04 -13.04
CA ILE A 53 -4.09 -26.67 -13.28
C ILE A 53 -2.60 -26.55 -12.96
N ASP A 54 -1.83 -26.09 -13.93
CA ASP A 54 -0.38 -26.03 -13.83
C ASP A 54 -0.01 -24.72 -13.17
N LEU A 55 0.65 -24.80 -12.01
CA LEU A 55 0.98 -23.61 -11.24
C LEU A 55 2.47 -23.33 -11.21
N ARG A 56 3.24 -23.86 -12.16
CA ARG A 56 4.64 -23.48 -12.17
C ARG A 56 4.76 -21.99 -12.34
N GLY A 57 5.80 -21.43 -11.72
CA GLY A 57 5.98 -20.00 -11.74
C GLY A 57 5.08 -19.25 -10.79
N HIS A 58 4.30 -19.94 -9.96
CA HIS A 58 3.38 -19.29 -9.04
C HIS A 58 3.69 -19.68 -7.59
N ILE A 59 3.33 -18.79 -6.67
CA ILE A 59 3.25 -19.13 -5.26
C ILE A 59 1.78 -19.36 -4.91
N VAL A 60 1.50 -20.45 -4.19
CA VAL A 60 0.18 -20.73 -3.63
C VAL A 60 0.25 -20.49 -2.13
N ILE A 61 -0.74 -19.78 -1.59
CA ILE A 61 -0.85 -19.55 -0.15
C ILE A 61 -2.27 -19.93 0.26
N PRO A 62 -2.50 -20.18 1.56
CA PRO A 62 -3.89 -20.32 2.02
C PRO A 62 -4.63 -19.02 1.78
N GLY A 63 -5.93 -19.12 1.51
CA GLY A 63 -6.71 -17.93 1.26
C GLY A 63 -6.65 -16.99 2.46
N LEU A 64 -6.51 -15.69 2.17
CA LEU A 64 -6.51 -14.70 3.23
C LEU A 64 -7.93 -14.56 3.80
N ILE A 65 -8.01 -14.19 5.07
CA ILE A 65 -9.27 -14.14 5.80
C ILE A 65 -9.44 -12.73 6.34
N ASN A 66 -10.50 -12.04 5.88
CA ASN A 66 -10.77 -10.68 6.34
C ASN A 66 -11.77 -10.72 7.50
N THR A 67 -11.46 -10.03 8.60
CA THR A 67 -12.27 -10.19 9.80
C THR A 67 -12.95 -8.90 10.23
N HIS A 68 -13.00 -7.88 9.36
CA HIS A 68 -13.79 -6.70 9.65
C HIS A 68 -14.00 -5.89 8.38
N HIS A 69 -15.23 -5.43 8.18
CA HIS A 69 -15.60 -4.69 6.97
C HIS A 69 -16.90 -3.95 7.25
N HIS A 70 -17.21 -3.02 6.37
CA HIS A 70 -18.55 -2.43 6.21
C HIS A 70 -18.72 -2.28 4.71
N MET A 71 -19.16 -3.35 4.07
CA MET A 71 -19.08 -3.37 2.61
C MET A 71 -19.99 -2.35 1.97
N PHE A 72 -21.05 -1.93 2.66
CA PHE A 72 -21.92 -0.90 2.11
C PHE A 72 -21.18 0.41 1.86
N GLN A 73 -20.09 0.66 2.60
CA GLN A 73 -19.31 1.89 2.44
C GLN A 73 -18.52 1.91 1.14
N SER A 74 -18.45 0.81 0.41
CA SER A 74 -17.77 0.83 -0.88
C SER A 74 -18.53 1.65 -1.91
N LEU A 75 -19.78 2.02 -1.60
CA LEU A 75 -20.54 2.96 -2.42
C LEU A 75 -20.16 4.40 -2.14
N THR A 76 -19.47 4.67 -1.04
CA THR A 76 -19.18 6.04 -0.60
C THR A 76 -17.70 6.19 -0.22
N ARG A 77 -16.81 5.88 -1.16
CA ARG A 77 -15.40 6.13 -0.91
C ARG A 77 -15.09 7.59 -1.23
N VAL A 78 -14.06 8.14 -0.56
CA VAL A 78 -13.56 9.50 -0.74
C VAL A 78 -14.64 10.55 -0.94
N ILE A 79 -15.71 10.47 -0.15
CA ILE A 79 -16.68 11.58 -0.14
C ILE A 79 -15.94 12.85 0.26
N PRO A 80 -16.00 13.94 -0.53
CA PRO A 80 -15.15 15.10 -0.25
C PRO A 80 -15.21 15.59 1.19
N ASP A 81 -16.40 15.66 1.76
CA ASP A 81 -16.54 16.21 3.11
C ASP A 81 -16.14 15.22 4.20
N ALA A 82 -15.77 13.99 3.83
CA ALA A 82 -15.36 12.98 4.80
C ALA A 82 -13.90 12.59 4.67
N GLN A 83 -13.19 13.11 3.66
CA GLN A 83 -11.80 12.70 3.42
C GLN A 83 -10.88 13.14 4.55
N ASP A 84 -11.14 14.34 5.07
CA ASP A 84 -10.28 15.04 6.01
C ASP A 84 -11.06 15.28 7.30
N GLY A 85 -10.49 16.03 8.21
CA GLY A 85 -11.20 16.41 9.40
C GLY A 85 -11.22 15.33 10.48
N GLU A 86 -11.99 15.61 11.52
CA GLU A 86 -12.14 14.78 12.71
C GLU A 86 -13.17 13.68 12.48
N LEU A 87 -13.11 12.66 13.34
CA LEU A 87 -14.07 11.56 13.26
C LEU A 87 -15.50 12.07 13.37
N PHE A 88 -15.72 13.10 14.18
CA PHE A 88 -17.05 13.71 14.24
C PHE A 88 -17.52 14.13 12.85
N ASP A 89 -16.66 14.82 12.09
CA ASP A 89 -17.07 15.27 10.75
C ASP A 89 -17.26 14.09 9.81
N TRP A 90 -16.43 13.05 9.96
CA TRP A 90 -16.58 11.85 9.14
C TRP A 90 -17.96 11.22 9.33
N LEU A 91 -18.36 11.00 10.58
CA LEU A 91 -19.67 10.40 10.86
C LEU A 91 -20.82 11.32 10.42
N ASN A 92 -20.75 12.60 10.75
CA ASN A 92 -21.89 13.47 10.47
C ASN A 92 -22.04 13.78 8.98
N ASN A 93 -20.99 13.64 8.18
CA ASN A 93 -21.16 13.81 6.74
C ASN A 93 -21.50 12.51 6.02
N LEU A 94 -21.18 11.36 6.61
CA LEU A 94 -21.49 10.10 5.95
C LEU A 94 -22.84 9.53 6.36
N TYR A 95 -23.26 9.71 7.62
CA TYR A 95 -24.55 9.18 8.04
C TYR A 95 -25.71 9.62 7.15
N PRO A 96 -25.85 10.91 6.80
CA PRO A 96 -27.01 11.28 5.94
C PRO A 96 -26.99 10.61 4.58
N ILE A 97 -25.81 10.29 4.05
CA ILE A 97 -25.74 9.61 2.76
C ILE A 97 -26.21 8.17 2.89
N TRP A 98 -25.73 7.47 3.93
CA TRP A 98 -26.10 6.08 4.14
C TRP A 98 -27.58 5.91 4.44
N ALA A 99 -28.26 6.98 4.88
CA ALA A 99 -29.71 6.90 5.10
C ALA A 99 -30.48 6.64 3.81
N GLY A 100 -29.87 6.82 2.64
CA GLY A 100 -30.53 6.50 1.39
C GLY A 100 -30.30 5.11 0.84
N LEU A 101 -29.60 4.23 1.57
CA LEU A 101 -29.27 2.91 1.06
C LEU A 101 -30.53 2.07 0.83
N THR A 102 -30.53 1.34 -0.28
CA THR A 102 -31.61 0.46 -0.69
C THR A 102 -31.16 -1.00 -0.71
N PRO A 103 -32.10 -1.96 -0.63
CA PRO A 103 -31.70 -3.38 -0.74
C PRO A 103 -30.82 -3.67 -1.94
N GLU A 104 -31.12 -3.09 -3.10
CA GLU A 104 -30.27 -3.32 -4.28
C GLU A 104 -28.85 -2.83 -4.04
N MET A 105 -28.70 -1.68 -3.38
CA MET A 105 -27.36 -1.20 -3.10
C MET A 105 -26.61 -2.12 -2.15
N ILE A 106 -27.31 -2.74 -1.19
CA ILE A 106 -26.63 -3.67 -0.31
C ILE A 106 -26.16 -4.90 -1.08
N ARG A 107 -27.04 -5.43 -1.94
N ARG A 107 -27.03 -5.47 -1.92
CA ARG A 107 -26.75 -6.61 -2.75
CA ARG A 107 -26.63 -6.65 -2.69
C ARG A 107 -25.54 -6.37 -3.67
C ARG A 107 -25.43 -6.33 -3.59
N ILE A 108 -25.49 -5.20 -4.31
CA ILE A 108 -24.41 -4.88 -5.26
C ILE A 108 -23.12 -4.51 -4.53
N SER A 109 -23.20 -3.71 -3.48
CA SER A 109 -21.96 -3.28 -2.81
C SER A 109 -21.26 -4.46 -2.13
N THR A 110 -22.01 -5.45 -1.66
CA THR A 110 -21.38 -6.67 -1.15
C THR A 110 -20.57 -7.35 -2.22
N GLN A 111 -21.11 -7.46 -3.44
CA GLN A 111 -20.37 -8.11 -4.52
C GLN A 111 -19.13 -7.30 -4.92
N THR A 112 -19.25 -5.98 -4.95
CA THR A 112 -18.10 -5.15 -5.31
C THR A 112 -17.00 -5.26 -4.26
N ALA A 113 -17.37 -5.10 -2.99
CA ALA A 113 -16.36 -5.18 -1.94
C ALA A 113 -15.75 -6.58 -1.88
N MET A 114 -16.57 -7.64 -2.01
CA MET A 114 -15.96 -8.97 -2.02
C MET A 114 -15.09 -9.21 -3.25
N ALA A 115 -15.50 -8.69 -4.42
CA ALA A 115 -14.66 -8.87 -5.61
C ALA A 115 -13.29 -8.25 -5.39
N GLU A 116 -13.23 -7.06 -4.79
CA GLU A 116 -11.93 -6.46 -4.53
C GLU A 116 -11.10 -7.33 -3.60
N LEU A 117 -11.73 -7.86 -2.55
CA LEU A 117 -11.02 -8.73 -1.62
C LEU A 117 -10.55 -10.00 -2.30
N MET A 118 -11.41 -10.61 -3.13
CA MET A 118 -11.04 -11.86 -3.76
C MET A 118 -9.86 -11.69 -4.72
N LEU A 119 -9.86 -10.62 -5.52
CA LEU A 119 -8.76 -10.44 -6.47
C LEU A 119 -7.46 -10.10 -5.77
N SER A 120 -7.51 -9.70 -4.51
CA SER A 120 -6.31 -9.40 -3.74
C SER A 120 -6.00 -10.48 -2.69
N GLY A 121 -6.55 -11.69 -2.87
CA GLY A 121 -6.09 -12.87 -2.17
C GLY A 121 -7.01 -13.41 -1.10
N CYS A 122 -8.17 -12.80 -0.89
CA CYS A 122 -9.05 -13.12 0.22
C CYS A 122 -10.10 -14.16 -0.20
N THR A 123 -10.30 -15.17 0.63
CA THR A 123 -11.28 -16.21 0.33
C THR A 123 -12.41 -16.29 1.34
N THR A 124 -12.25 -15.75 2.55
CA THR A 124 -13.31 -15.66 3.55
C THR A 124 -13.34 -14.22 4.05
N SER A 125 -14.54 -13.68 4.23
CA SER A 125 -14.64 -12.36 4.85
C SER A 125 -15.83 -12.31 5.80
N SER A 126 -15.66 -11.55 6.88
CA SER A 126 -16.83 -11.11 7.59
C SER A 126 -17.26 -9.76 7.02
N ASP A 127 -18.42 -9.29 7.47
CA ASP A 127 -18.90 -7.95 7.19
C ASP A 127 -19.56 -7.45 8.46
N HIS A 128 -19.75 -6.15 8.54
CA HIS A 128 -20.38 -5.56 9.72
C HIS A 128 -21.36 -4.51 9.21
N LEU A 129 -22.47 -4.97 8.63
CA LEU A 129 -23.54 -4.09 8.21
C LEU A 129 -24.33 -3.65 9.45
N TYR A 130 -24.35 -2.34 9.74
CA TYR A 130 -25.01 -1.91 10.96
C TYR A 130 -26.07 -0.83 10.71
N VAL A 131 -26.42 -0.55 9.45
CA VAL A 131 -27.51 0.36 9.12
C VAL A 131 -28.52 -0.42 8.28
N TYR A 132 -29.81 -0.20 8.54
CA TYR A 132 -30.88 -0.92 7.86
C TYR A 132 -32.00 0.01 7.41
N PRO A 133 -31.69 1.09 6.69
CA PRO A 133 -32.75 1.99 6.23
C PRO A 133 -33.50 1.40 5.04
N ASN A 134 -34.70 1.94 4.79
CA ASN A 134 -35.45 1.73 3.55
C ASN A 134 -35.68 0.25 3.26
N GLY A 135 -35.90 -0.55 4.30
CA GLY A 135 -36.17 -1.96 4.11
C GLY A 135 -34.95 -2.83 3.81
N CYS A 136 -33.75 -2.29 3.88
CA CYS A 136 -32.53 -3.10 3.79
C CYS A 136 -32.51 -4.18 4.86
N ARG A 137 -31.96 -5.35 4.52
CA ARG A 137 -31.83 -6.47 5.43
C ARG A 137 -30.49 -7.15 5.22
N LEU A 138 -30.00 -7.83 6.26
CA LEU A 138 -28.80 -8.65 6.09
C LEU A 138 -28.98 -9.67 4.97
N ASP A 139 -30.23 -10.09 4.71
CA ASP A 139 -30.54 -10.99 3.61
C ASP A 139 -30.00 -10.48 2.28
N ASP A 140 -30.04 -9.16 2.09
CA ASP A 140 -29.59 -8.58 0.83
C ASP A 140 -28.09 -8.79 0.64
N SER A 141 -27.33 -8.63 1.72
CA SER A 141 -25.90 -8.89 1.67
C SER A 141 -25.63 -10.37 1.41
N ILE A 142 -26.41 -11.24 2.05
CA ILE A 142 -26.24 -12.67 1.85
C ILE A 142 -26.54 -13.05 0.40
N ASP A 143 -27.56 -12.44 -0.20
CA ASP A 143 -27.84 -12.68 -1.62
C ASP A 143 -26.63 -12.32 -2.50
N GLY A 144 -26.02 -11.16 -2.25
CA GLY A 144 -24.85 -10.78 -3.05
C GLY A 144 -23.68 -11.72 -2.84
N ALA A 145 -23.45 -12.13 -1.58
CA ALA A 145 -22.34 -13.03 -1.30
C ALA A 145 -22.54 -14.38 -2.00
N ARG A 146 -23.78 -14.83 -2.09
CA ARG A 146 -24.06 -16.10 -2.76
C ARG A 146 -23.86 -15.98 -4.27
N GLU A 147 -24.03 -14.79 -4.83
CA GLU A 147 -23.75 -14.61 -6.25
C GLU A 147 -22.26 -14.78 -6.55
N ILE A 148 -21.40 -14.37 -5.63
CA ILE A 148 -19.97 -14.23 -5.94
C ILE A 148 -19.14 -15.41 -5.42
N GLY A 149 -19.68 -16.21 -4.50
CA GLY A 149 -19.05 -17.43 -4.07
C GLY A 149 -18.01 -17.30 -2.97
N MET A 150 -18.04 -16.22 -2.19
CA MET A 150 -17.07 -16.02 -1.11
C MET A 150 -17.59 -16.62 0.19
N ARG A 151 -16.68 -17.20 0.97
CA ARG A 151 -17.06 -17.75 2.28
C ARG A 151 -17.33 -16.59 3.24
N PHE A 152 -18.49 -16.60 3.90
CA PHE A 152 -19.07 -15.36 4.44
C PHE A 152 -19.48 -15.50 5.91
N HIS A 153 -19.00 -14.58 6.76
CA HIS A 153 -19.50 -14.42 8.13
C HIS A 153 -20.26 -13.08 8.19
N ALA A 154 -21.57 -13.17 8.08
CA ALA A 154 -22.45 -12.00 8.06
C ALA A 154 -22.81 -11.61 9.48
N CYS A 155 -22.47 -10.38 9.90
CA CYS A 155 -22.83 -9.90 11.23
C CYS A 155 -24.11 -9.09 11.14
N ARG A 156 -25.06 -9.38 12.03
CA ARG A 156 -26.20 -8.48 12.22
C ARG A 156 -25.70 -7.34 13.11
N GLY A 157 -25.13 -6.33 12.48
CA GLY A 157 -24.78 -5.13 13.21
C GLY A 157 -26.02 -4.36 13.64
N SER A 158 -25.86 -3.51 14.66
CA SER A 158 -27.03 -2.78 15.13
C SER A 158 -26.62 -1.51 15.86
N MET A 159 -27.54 -0.53 15.85
CA MET A 159 -27.45 0.69 16.62
C MET A 159 -28.84 1.04 17.14
N SER A 160 -28.93 1.53 18.38
CA SER A 160 -30.20 1.97 18.92
C SER A 160 -30.18 3.37 19.54
N VAL A 161 -29.01 3.99 19.71
CA VAL A 161 -28.90 5.28 20.39
C VAL A 161 -28.68 6.33 19.31
N GLY A 162 -29.76 7.00 18.90
CA GLY A 162 -29.71 7.98 17.84
C GLY A 162 -29.72 9.42 18.31
N ARG A 163 -30.00 10.34 17.37
CA ARG A 163 -29.93 11.76 17.65
C ARG A 163 -30.86 12.17 18.78
N SER A 164 -32.14 11.81 18.66
CA SER A 164 -33.14 12.14 19.67
C SER A 164 -32.77 11.60 21.04
N LYS A 165 -31.94 10.56 21.11
CA LYS A 165 -31.53 9.94 22.37
C LYS A 165 -30.10 10.29 22.75
N GLY A 166 -29.52 11.33 22.15
CA GLY A 166 -28.19 11.81 22.53
C GLY A 166 -27.03 11.17 21.80
N GLY A 167 -27.29 10.42 20.72
CA GLY A 167 -26.23 9.86 19.91
C GLY A 167 -26.00 10.67 18.64
N LEU A 168 -24.97 10.26 17.89
CA LEU A 168 -24.60 10.89 16.63
C LEU A 168 -25.41 10.44 15.42
N PRO A 169 -25.72 9.15 15.25
CA PRO A 169 -26.52 8.75 14.09
C PRO A 169 -27.89 9.39 14.14
N PRO A 170 -28.47 9.72 12.99
CA PRO A 170 -29.89 10.13 12.95
C PRO A 170 -30.81 8.97 13.34
N ASP A 171 -32.02 9.33 13.79
CA ASP A 171 -32.95 8.29 14.25
C ASP A 171 -33.31 7.32 13.14
N GLU A 172 -33.40 7.81 11.90
CA GLU A 172 -33.77 6.90 10.81
C GLU A 172 -32.74 5.80 10.59
N LEU A 173 -31.59 5.88 11.25
CA LEU A 173 -30.55 4.87 11.12
C LEU A 173 -30.37 4.02 12.38
N VAL A 174 -31.23 4.19 13.38
CA VAL A 174 -31.15 3.34 14.56
C VAL A 174 -32.45 2.56 14.66
N GLU A 175 -32.42 1.51 15.46
CA GLU A 175 -33.56 0.61 15.54
C GLU A 175 -33.96 0.40 17.00
N ASN A 176 -35.21 -0.03 17.16
CA ASN A 176 -35.71 -0.47 18.46
C ASN A 176 -35.01 -1.77 18.85
N GLU A 177 -34.67 -1.88 20.13
CA GLU A 177 -33.80 -2.97 20.57
C GLU A 177 -34.50 -4.33 20.54
N GLN A 178 -35.82 -4.35 20.79
CA GLN A 178 -36.53 -5.63 20.70
C GLN A 178 -36.60 -6.11 19.25
N ALA A 179 -36.79 -5.18 18.31
CA ALA A 179 -36.77 -5.52 16.89
C ALA A 179 -35.40 -6.04 16.48
N ILE A 180 -34.33 -5.49 17.04
CA ILE A 180 -32.98 -5.96 16.71
C ILE A 180 -32.79 -7.41 17.15
N LEU A 181 -33.20 -7.74 18.39
CA LEU A 181 -33.05 -9.11 18.86
C LEU A 181 -33.90 -10.07 18.04
N GLU A 182 -35.13 -9.67 17.72
CA GLU A 182 -36.01 -10.51 16.92
C GLU A 182 -35.42 -10.79 15.54
N ASP A 183 -34.88 -9.75 14.89
CA ASP A 183 -34.29 -9.97 13.58
C ASP A 183 -33.01 -10.78 13.69
N SER A 184 -32.22 -10.58 14.76
CA SER A 184 -31.02 -11.39 14.99
C SER A 184 -31.35 -12.88 15.08
N LEU A 185 -32.40 -13.22 15.81
CA LEU A 185 -32.77 -14.63 15.97
C LEU A 185 -33.27 -15.19 14.65
N ARG A 186 -34.05 -14.39 13.90
CA ARG A 186 -34.53 -14.83 12.58
C ARG A 186 -33.36 -15.17 11.65
N LEU A 187 -32.34 -14.30 11.63
CA LEU A 187 -31.20 -14.50 10.74
C LEU A 187 -30.40 -15.74 11.13
N ILE A 188 -30.18 -15.95 12.43
CA ILE A 188 -29.50 -17.18 12.88
C ILE A 188 -30.27 -18.41 12.44
N HIS A 189 -31.58 -18.46 12.72
CA HIS A 189 -32.39 -19.63 12.36
C HIS A 189 -32.42 -19.87 10.86
N SER A 190 -32.47 -18.80 10.07
CA SER A 190 -32.65 -18.94 8.63
C SER A 190 -31.36 -19.25 7.88
N TYR A 191 -30.20 -18.81 8.40
CA TYR A 191 -28.97 -18.76 7.61
C TYR A 191 -27.75 -19.36 8.25
N HIS A 192 -27.66 -19.47 9.58
CA HIS A 192 -26.41 -19.88 10.18
C HIS A 192 -26.21 -21.38 9.96
N ASP A 193 -25.15 -21.72 9.24
CA ASP A 193 -24.81 -23.10 8.96
C ASP A 193 -23.59 -23.43 9.81
N ALA A 194 -23.79 -24.25 10.84
CA ALA A 194 -22.74 -24.55 11.79
C ALA A 194 -21.85 -25.72 11.37
N GLN A 195 -22.09 -26.31 10.20
CA GLN A 195 -21.38 -27.51 9.81
C GLN A 195 -19.99 -27.18 9.24
N ARG A 196 -19.13 -28.20 9.23
CA ARG A 196 -17.79 -28.05 8.64
C ARG A 196 -17.92 -27.62 7.17
N TYR A 197 -17.01 -26.73 6.75
CA TYR A 197 -16.97 -26.14 5.41
C TYR A 197 -18.14 -25.22 5.12
N SER A 198 -18.85 -24.78 6.15
CA SER A 198 -19.91 -23.80 5.98
C SER A 198 -19.45 -22.58 5.18
N MET A 199 -20.29 -22.19 4.22
CA MET A 199 -20.15 -20.97 3.44
C MET A 199 -20.86 -19.78 4.03
N LEU A 200 -21.63 -19.96 5.10
CA LEU A 200 -22.38 -18.84 5.68
C LEU A 200 -22.55 -19.04 7.17
N ARG A 201 -22.03 -18.10 7.95
CA ARG A 201 -22.25 -18.08 9.39
C ARG A 201 -22.67 -16.68 9.81
N ILE A 202 -23.45 -16.63 10.88
CA ILE A 202 -24.01 -15.40 11.42
C ILE A 202 -23.32 -15.08 12.73
N ALA A 203 -23.00 -13.80 12.93
CA ALA A 203 -22.58 -13.29 14.22
C ALA A 203 -23.43 -12.06 14.56
N LEU A 204 -23.51 -11.72 15.85
CA LEU A 204 -24.29 -10.59 16.33
C LEU A 204 -23.32 -9.48 16.73
N ALA A 205 -23.63 -8.23 16.34
CA ALA A 205 -22.59 -7.18 16.32
C ALA A 205 -23.15 -5.78 16.51
N PRO A 206 -23.57 -5.43 17.73
CA PRO A 206 -23.80 -4.00 18.06
C PRO A 206 -22.59 -3.19 17.65
N CYS A 207 -22.84 -2.02 17.03
CA CYS A 207 -21.75 -1.27 16.41
C CYS A 207 -20.63 -0.98 17.41
N SER A 208 -20.98 -0.60 18.64
CA SER A 208 -20.02 -0.44 19.72
C SER A 208 -20.78 -0.60 21.03
N PRO A 209 -20.08 -0.84 22.14
CA PRO A 209 -20.77 -0.93 23.45
C PRO A 209 -21.50 0.34 23.84
N PHE A 210 -21.31 1.43 23.12
CA PHE A 210 -21.95 2.71 23.40
C PHE A 210 -23.07 3.03 22.44
N SER A 211 -23.23 2.25 21.37
CA SER A 211 -24.24 2.51 20.36
C SER A 211 -25.56 1.85 20.70
N VAL A 212 -25.59 1.05 21.77
CA VAL A 212 -26.79 0.36 22.22
C VAL A 212 -26.81 0.42 23.73
N SER A 213 -27.95 0.05 24.31
CA SER A 213 -28.04 0.04 25.76
C SER A 213 -27.18 -1.08 26.34
N ARG A 214 -26.90 -0.96 27.63
CA ARG A 214 -26.21 -2.06 28.29
C ARG A 214 -27.06 -3.34 28.24
N GLU A 215 -28.39 -3.20 28.29
CA GLU A 215 -29.26 -4.37 28.22
C GLU A 215 -29.15 -5.09 26.88
N LEU A 216 -29.03 -4.36 25.78
CA LEU A 216 -28.91 -5.02 24.49
C LEU A 216 -27.56 -5.71 24.36
N MET A 217 -26.52 -5.12 24.92
CA MET A 217 -25.21 -5.76 24.90
C MET A 217 -25.30 -7.12 25.58
N VAL A 218 -25.92 -7.15 26.77
CA VAL A 218 -26.03 -8.38 27.56
C VAL A 218 -26.97 -9.37 26.90
N LYS A 219 -28.12 -8.91 26.40
CA LYS A 219 -29.06 -9.85 25.79
C LYS A 219 -28.51 -10.40 24.48
N THR A 220 -27.77 -9.59 23.72
CA THR A 220 -27.15 -10.07 22.50
C THR A 220 -26.17 -11.19 22.78
N ALA A 221 -25.31 -11.01 23.79
CA ALA A 221 -24.40 -12.08 24.20
C ALA A 221 -25.18 -13.32 24.63
N GLN A 222 -26.24 -13.13 25.42
CA GLN A 222 -27.07 -14.25 25.86
C GLN A 222 -27.60 -15.04 24.67
N MET A 223 -28.17 -14.34 23.69
CA MET A 223 -28.63 -14.98 22.46
C MET A 223 -27.50 -15.71 21.74
N ALA A 224 -26.36 -15.04 21.56
CA ALA A 224 -25.28 -15.66 20.80
C ALA A 224 -24.81 -16.95 21.45
N ARG A 225 -24.67 -16.94 22.79
CA ARG A 225 -24.25 -18.14 23.49
C ARG A 225 -25.30 -19.24 23.39
N GLU A 226 -26.58 -18.89 23.51
CA GLU A 226 -27.64 -19.88 23.37
C GLU A 226 -27.65 -20.51 21.98
N GLN A 227 -27.39 -19.72 20.94
CA GLN A 227 -27.43 -20.19 19.56
C GLN A 227 -26.10 -20.71 19.06
N GLY A 228 -25.03 -20.51 19.81
CA GLY A 228 -23.71 -20.96 19.40
C GLY A 228 -23.03 -20.17 18.30
N VAL A 229 -23.23 -18.84 18.28
CA VAL A 229 -22.62 -17.98 17.28
C VAL A 229 -21.71 -16.98 17.99
N SER A 230 -20.93 -16.25 17.21
CA SER A 230 -19.96 -15.34 17.79
C SER A 230 -20.52 -13.93 17.95
N LEU A 231 -19.71 -13.07 18.59
CA LEU A 231 -20.05 -11.70 18.96
C LEU A 231 -18.94 -10.78 18.44
N HIS A 232 -19.33 -9.65 17.86
CA HIS A 232 -18.36 -8.75 17.21
C HIS A 232 -18.75 -7.31 17.50
N THR A 233 -17.76 -6.44 17.73
CA THR A 233 -18.02 -5.02 17.92
C THR A 233 -16.72 -4.24 17.75
N HIS A 234 -16.87 -2.90 17.68
CA HIS A 234 -15.72 -2.00 17.74
C HIS A 234 -15.32 -1.76 19.19
N LEU A 235 -14.02 -1.82 19.47
CA LEU A 235 -13.53 -1.59 20.83
C LEU A 235 -12.21 -0.83 20.84
N ALA A 236 -12.13 0.18 21.71
CA ALA A 236 -10.89 0.91 22.00
C ALA A 236 -10.19 1.38 20.71
N GLU A 237 -10.98 1.96 19.81
CA GLU A 237 -10.41 2.35 18.52
C GLU A 237 -9.54 3.59 18.63
N ASN A 238 -9.81 4.46 19.60
CA ASN A 238 -9.18 5.77 19.63
C ASN A 238 -9.21 6.31 21.05
N ASP A 239 -8.62 7.50 21.24
CA ASP A 239 -8.55 8.07 22.58
C ASP A 239 -9.93 8.41 23.12
N SER A 240 -10.88 8.73 22.23
CA SER A 240 -12.23 9.08 22.66
C SER A 240 -12.95 7.88 23.28
N ASP A 241 -12.77 6.68 22.72
CA ASP A 241 -13.36 5.47 23.28
C ASP A 241 -12.84 5.22 24.70
N VAL A 242 -11.55 5.42 24.93
CA VAL A 242 -10.96 5.14 26.23
C VAL A 242 -11.46 6.12 27.28
N SER A 243 -11.50 7.41 26.92
CA SER A 243 -11.99 8.42 27.87
C SER A 243 -13.47 8.20 28.19
N TYR A 244 -14.28 7.91 27.18
CA TYR A 244 -15.71 7.73 27.39
C TYR A 244 -15.99 6.61 28.40
N SER A 245 -15.38 5.43 28.20
CA SER A 245 -15.61 4.33 29.13
C SER A 245 -15.10 4.65 30.53
N GLN A 246 -13.95 5.34 30.63
CA GLN A 246 -13.44 5.72 31.94
C GLN A 246 -14.39 6.71 32.60
N THR A 247 -14.83 7.72 31.85
CA THR A 247 -15.73 8.74 32.39
C THR A 247 -17.08 8.16 32.77
N HIS A 248 -17.74 7.46 31.84
CA HIS A 248 -19.12 7.03 32.04
C HIS A 248 -19.23 5.76 32.87
N PHE A 249 -18.20 4.92 32.90
CA PHE A 249 -18.32 3.63 33.56
C PHE A 249 -17.19 3.35 34.54
N GLY A 250 -16.19 4.23 34.64
CA GLY A 250 -15.11 4.00 35.59
C GLY A 250 -14.24 2.82 35.23
N MET A 251 -14.14 2.51 33.94
CA MET A 251 -13.65 1.23 33.46
C MET A 251 -12.87 1.46 32.17
N THR A 252 -11.85 0.64 31.92
CA THR A 252 -11.24 0.63 30.60
C THR A 252 -12.17 -0.07 29.62
N PRO A 253 -12.02 0.18 28.31
CA PRO A 253 -12.86 -0.55 27.35
C PRO A 253 -12.84 -2.06 27.53
N ALA A 254 -11.67 -2.65 27.79
CA ALA A 254 -11.62 -4.10 27.96
C ALA A 254 -12.26 -4.53 29.27
N GLN A 255 -12.12 -3.73 30.33
CA GLN A 255 -12.86 -4.01 31.55
C GLN A 255 -14.37 -3.96 31.29
N TYR A 256 -14.82 -2.97 30.50
CA TYR A 256 -16.24 -2.84 30.24
C TYR A 256 -16.75 -4.02 29.41
N ALA A 257 -15.96 -4.44 28.42
CA ALA A 257 -16.31 -5.64 27.65
C ALA A 257 -16.44 -6.86 28.56
N GLU A 258 -15.48 -7.04 29.47
CA GLU A 258 -15.58 -8.12 30.45
C GLU A 258 -16.86 -7.99 31.27
N ASP A 259 -17.18 -6.76 31.70
CA ASP A 259 -18.36 -6.57 32.56
C ASP A 259 -19.65 -6.91 31.83
N LEU A 260 -19.68 -6.73 30.51
CA LEU A 260 -20.84 -7.05 29.68
C LEU A 260 -20.86 -8.51 29.25
N GLY A 261 -19.85 -9.29 29.63
CA GLY A 261 -19.75 -10.64 29.15
C GLY A 261 -19.15 -10.76 27.77
N TRP A 262 -18.61 -9.66 27.23
CA TRP A 262 -18.08 -9.63 25.87
C TRP A 262 -16.60 -9.99 25.82
N VAL A 263 -16.27 -11.12 26.45
CA VAL A 263 -14.97 -11.75 26.35
C VAL A 263 -15.20 -13.23 26.10
N GLY A 264 -14.22 -13.89 25.51
CA GLY A 264 -14.31 -15.30 25.20
C GLY A 264 -13.89 -15.59 23.78
N SER A 265 -13.68 -16.87 23.51
CA SER A 265 -13.25 -17.28 22.18
C SER A 265 -14.33 -17.13 21.12
N ASP A 266 -15.58 -16.90 21.53
CA ASP A 266 -16.64 -16.55 20.59
C ASP A 266 -16.83 -15.03 20.45
N VAL A 267 -15.82 -14.23 20.82
CA VAL A 267 -15.88 -12.77 20.71
C VAL A 267 -14.64 -12.30 19.97
N TRP A 268 -14.82 -11.36 19.02
CA TRP A 268 -13.68 -10.66 18.48
C TRP A 268 -14.01 -9.18 18.32
N HIS A 269 -13.07 -8.34 18.75
CA HIS A 269 -13.22 -6.89 18.81
C HIS A 269 -12.38 -6.25 17.71
N ALA A 270 -13.02 -5.36 16.94
CA ALA A 270 -12.31 -4.63 15.92
C ALA A 270 -11.45 -3.51 16.52
N HIS A 271 -10.27 -3.31 15.94
CA HIS A 271 -9.32 -2.23 16.22
C HIS A 271 -8.47 -2.47 17.47
N CYS A 272 -9.01 -2.21 18.66
CA CYS A 272 -8.26 -2.38 19.91
C CYS A 272 -6.94 -1.61 19.87
N VAL A 273 -6.97 -0.45 19.21
CA VAL A 273 -5.77 0.39 19.07
C VAL A 273 -5.23 0.82 20.43
N LYS A 274 -6.13 1.16 21.35
CA LYS A 274 -5.77 1.72 22.65
C LYS A 274 -5.90 0.69 23.78
N LEU A 275 -5.92 -0.59 23.46
CA LEU A 275 -5.92 -1.62 24.50
C LEU A 275 -4.65 -1.53 25.35
N ASP A 276 -4.81 -1.54 26.68
CA ASP A 276 -3.66 -1.43 27.57
C ASP A 276 -3.13 -2.83 27.94
N ARG A 277 -2.06 -2.85 28.73
CA ARG A 277 -1.43 -4.13 29.06
C ARG A 277 -2.39 -5.06 29.77
N ALA A 278 -3.14 -4.54 30.75
CA ALA A 278 -4.10 -5.38 31.46
C ALA A 278 -5.21 -5.89 30.55
N GLY A 279 -5.62 -5.08 29.56
CA GLY A 279 -6.62 -5.54 28.61
C GLY A 279 -6.08 -6.62 27.69
N ILE A 280 -4.81 -6.47 27.27
CA ILE A 280 -4.14 -7.50 26.50
C ILE A 280 -4.06 -8.81 27.28
N SER A 281 -3.67 -8.74 28.55
N SER A 281 -3.64 -8.73 28.54
CA SER A 281 -3.62 -9.94 29.38
CA SER A 281 -3.62 -9.90 29.41
C SER A 281 -5.01 -10.55 29.54
C SER A 281 -5.00 -10.53 29.51
N LEU A 282 -6.03 -9.70 29.73
CA LEU A 282 -7.39 -10.21 29.86
C LEU A 282 -7.81 -10.93 28.58
N PHE A 283 -7.55 -10.33 27.42
CA PHE A 283 -7.97 -10.95 26.16
C PHE A 283 -7.26 -12.28 25.95
N ALA A 284 -5.97 -12.34 26.31
CA ALA A 284 -5.19 -13.56 26.10
C ALA A 284 -5.73 -14.71 26.94
N ARG A 285 -6.03 -14.45 28.21
CA ARG A 285 -6.47 -15.55 29.05
C ARG A 285 -7.92 -15.95 28.80
N THR A 286 -8.75 -15.09 28.20
CA THR A 286 -10.12 -15.47 27.86
C THR A 286 -10.28 -15.94 26.42
N GLY A 287 -9.23 -15.85 25.61
CA GLY A 287 -9.33 -16.22 24.21
C GLY A 287 -10.05 -15.19 23.35
N THR A 288 -10.20 -13.97 23.85
CA THR A 288 -10.90 -12.94 23.09
C THR A 288 -10.05 -12.48 21.91
N GLY A 289 -10.68 -12.35 20.73
CA GLY A 289 -9.96 -12.02 19.53
C GLY A 289 -9.96 -10.53 19.18
N VAL A 290 -9.05 -10.19 18.28
CA VAL A 290 -8.84 -8.82 17.81
C VAL A 290 -8.80 -8.83 16.29
N ALA A 291 -9.55 -7.92 15.66
CA ALA A 291 -9.43 -7.64 14.22
C ALA A 291 -8.58 -6.39 14.05
N HIS A 292 -7.34 -6.58 13.60
CA HIS A 292 -6.39 -5.49 13.38
C HIS A 292 -6.62 -4.86 12.01
N CYS A 293 -6.86 -3.54 11.98
CA CYS A 293 -7.21 -2.81 10.77
C CYS A 293 -6.22 -1.68 10.53
N PRO A 294 -5.01 -2.00 10.06
CA PRO A 294 -3.95 -0.97 10.04
C PRO A 294 -4.24 0.24 9.13
N CYS A 295 -4.67 0.02 7.88
CA CYS A 295 -4.90 1.18 6.99
C CYS A 295 -5.97 2.08 7.56
N SER A 296 -7.07 1.50 8.06
CA SER A 296 -8.09 2.30 8.72
C SER A 296 -7.52 3.07 9.89
N ASN A 297 -6.69 2.41 10.71
CA ASN A 297 -6.17 3.06 11.90
C ASN A 297 -5.26 4.25 11.54
N MET A 298 -4.57 4.19 10.39
CA MET A 298 -3.81 5.35 9.95
C MET A 298 -4.66 6.38 9.23
N ARG A 299 -5.56 5.93 8.33
CA ARG A 299 -6.36 6.85 7.54
C ARG A 299 -7.28 7.69 8.41
N LEU A 300 -7.73 7.15 9.55
CA LEU A 300 -8.52 7.89 10.52
C LEU A 300 -7.68 8.45 11.66
N ALA A 301 -6.36 8.32 11.58
CA ALA A 301 -5.45 8.83 12.61
C ALA A 301 -5.80 8.27 13.99
N SER A 302 -6.20 7.00 14.03
CA SER A 302 -6.53 6.37 15.31
C SER A 302 -5.28 6.06 16.12
N GLY A 303 -4.28 5.43 15.48
CA GLY A 303 -3.02 5.13 16.14
C GLY A 303 -2.46 3.78 15.73
N ILE A 304 -1.37 3.37 16.35
CA ILE A 304 -0.73 2.09 16.06
C ILE A 304 -1.15 1.10 17.14
N ALA A 305 -1.90 0.08 16.77
CA ALA A 305 -2.34 -0.91 17.75
C ALA A 305 -1.14 -1.75 18.21
N PRO A 306 -1.09 -2.14 19.49
CA PRO A 306 0.06 -2.88 20.01
C PRO A 306 0.00 -4.37 19.65
N ILE A 307 0.04 -4.65 18.35
CA ILE A 307 -0.19 -6.00 17.86
C ILE A 307 0.92 -6.94 18.31
N ARG A 308 2.17 -6.50 18.21
CA ARG A 308 3.28 -7.34 18.66
C ARG A 308 3.12 -7.70 20.13
N ALA A 309 2.70 -6.74 20.97
CA ALA A 309 2.45 -7.03 22.38
C ALA A 309 1.33 -8.05 22.56
N MET A 310 0.22 -7.89 21.82
CA MET A 310 -0.85 -8.88 21.92
C MET A 310 -0.38 -10.26 21.49
N LEU A 311 0.32 -10.36 20.37
CA LEU A 311 0.80 -11.67 19.95
C LEU A 311 1.73 -12.28 20.99
N ASP A 312 2.62 -11.47 21.57
CA ASP A 312 3.55 -12.01 22.57
C ASP A 312 2.83 -12.50 23.82
N GLU A 313 1.64 -11.97 24.11
CA GLU A 313 0.90 -12.39 25.30
C GLU A 313 -0.04 -13.56 25.01
N GLY A 314 -0.19 -13.95 23.75
CA GLY A 314 -1.06 -15.04 23.35
C GLY A 314 -2.42 -14.65 22.83
N VAL A 315 -2.62 -13.38 22.48
CA VAL A 315 -3.90 -12.93 21.92
C VAL A 315 -4.06 -13.40 20.48
N SER A 316 -5.26 -13.87 20.14
CA SER A 316 -5.62 -14.23 18.78
C SER A 316 -5.89 -12.96 17.97
N VAL A 317 -5.09 -12.71 16.95
CA VAL A 317 -5.21 -11.49 16.14
C VAL A 317 -5.45 -11.90 14.69
N GLY A 318 -6.51 -11.36 14.10
CA GLY A 318 -6.75 -11.46 12.67
C GLY A 318 -6.63 -10.07 12.05
N LEU A 319 -6.85 -10.02 10.74
CA LEU A 319 -6.69 -8.81 9.95
C LEU A 319 -8.02 -8.41 9.33
N GLY A 320 -8.23 -7.09 9.23
CA GLY A 320 -9.41 -6.57 8.57
C GLY A 320 -9.10 -5.32 7.76
N VAL A 321 -9.75 -5.16 6.60
CA VAL A 321 -9.61 -3.91 5.85
C VAL A 321 -10.52 -2.82 6.39
N ASP A 322 -11.58 -3.18 7.13
CA ASP A 322 -12.57 -2.21 7.60
C ASP A 322 -13.40 -1.67 6.44
N GLY A 323 -14.39 -0.83 6.74
CA GLY A 323 -15.24 -0.29 5.69
C GLY A 323 -14.48 0.58 4.72
N SER A 324 -14.98 0.63 3.48
CA SER A 324 -14.29 1.33 2.40
C SER A 324 -14.41 2.85 2.49
N ALA A 325 -15.13 3.39 3.48
CA ALA A 325 -15.08 4.82 3.76
C ALA A 325 -14.00 5.17 4.78
N SER A 326 -13.28 4.18 5.31
CA SER A 326 -12.16 4.45 6.21
C SER A 326 -11.02 3.47 5.88
N ASN A 327 -10.56 3.51 4.65
CA ASN A 327 -9.34 2.79 4.31
C ASN A 327 -8.56 3.52 3.22
N ASP A 328 -9.09 3.76 2.02
CA ASP A 328 -10.44 3.42 1.54
C ASP A 328 -10.38 2.20 0.60
N ALA A 329 -9.27 1.46 0.60
CA ALA A 329 -9.11 0.31 -0.29
C ALA A 329 -9.70 -0.95 0.34
N GLY A 330 -9.88 -1.99 -0.48
CA GLY A 330 -10.32 -3.29 -0.01
C GLY A 330 -9.35 -4.37 -0.45
N ASN A 331 -8.07 -4.15 -0.19
CA ASN A 331 -6.99 -4.90 -0.83
C ASN A 331 -6.32 -5.71 0.28
N MET A 332 -6.61 -7.01 0.30
CA MET A 332 -6.26 -7.82 1.47
C MET A 332 -4.75 -8.00 1.56
N ILE A 333 -4.08 -8.30 0.45
CA ILE A 333 -2.63 -8.49 0.54
C ILE A 333 -1.92 -7.17 0.85
N ALA A 334 -2.45 -6.05 0.36
CA ALA A 334 -1.86 -4.77 0.75
C ALA A 334 -2.09 -4.50 2.24
N GLU A 335 -3.22 -4.95 2.79
CA GLU A 335 -3.44 -4.78 4.23
C GLU A 335 -2.43 -5.60 5.03
N THR A 336 -2.06 -6.78 4.51
CA THR A 336 -1.06 -7.61 5.18
C THR A 336 0.29 -6.93 5.19
N ARG A 337 0.68 -6.37 4.05
CA ARG A 337 1.89 -5.55 4.00
C ARG A 337 1.82 -4.41 5.01
N GLN A 338 0.69 -3.70 5.06
CA GLN A 338 0.59 -2.54 5.97
C GLN A 338 0.77 -2.97 7.41
N ALA A 339 0.22 -4.13 7.78
CA ALA A 339 0.38 -4.60 9.15
C ALA A 339 1.85 -4.75 9.49
N MET A 340 2.64 -5.27 8.54
CA MET A 340 4.06 -5.44 8.79
C MET A 340 4.77 -4.09 8.85
N LEU A 341 4.53 -3.22 7.86
CA LEU A 341 5.18 -1.90 7.86
C LEU A 341 4.83 -1.11 9.12
N LEU A 342 3.56 -1.13 9.53
CA LEU A 342 3.13 -0.29 10.65
C LEU A 342 3.68 -0.79 11.99
N GLN A 343 3.73 -2.11 12.20
CA GLN A 343 4.32 -2.61 13.44
C GLN A 343 5.81 -2.28 13.51
N ARG A 344 6.53 -2.34 12.39
CA ARG A 344 7.95 -2.01 12.41
C ARG A 344 8.19 -0.53 12.73
N VAL A 345 7.42 0.37 12.12
CA VAL A 345 7.68 1.79 12.41
C VAL A 345 7.26 2.10 13.84
N GLY A 346 6.29 1.35 14.38
CA GLY A 346 5.83 1.58 15.72
C GLY A 346 6.71 0.97 16.79
N PHE A 347 7.30 -0.21 16.52
CA PHE A 347 7.92 -0.96 17.60
C PHE A 347 9.27 -1.56 17.26
N GLY A 348 9.81 -1.33 16.07
CA GLY A 348 11.17 -1.71 15.77
C GLY A 348 11.30 -2.83 14.76
N PRO A 349 12.54 -3.13 14.36
CA PRO A 349 12.77 -4.06 13.23
C PRO A 349 12.39 -5.50 13.54
N ASP A 350 12.19 -5.88 14.79
CA ASP A 350 11.82 -7.24 15.16
C ASP A 350 10.33 -7.42 15.36
N ALA A 351 9.53 -6.38 15.14
CA ALA A 351 8.13 -6.40 15.57
C ALA A 351 7.23 -7.25 14.67
N MET A 352 7.59 -7.45 13.40
CA MET A 352 6.71 -8.18 12.50
C MET A 352 7.40 -8.48 11.18
N ASN A 353 7.55 -9.76 10.85
CA ASN A 353 8.14 -10.14 9.57
C ASN A 353 7.05 -10.65 8.62
N ALA A 354 7.47 -11.05 7.41
CA ALA A 354 6.50 -11.42 6.40
C ALA A 354 5.68 -12.62 6.83
N ARG A 355 6.31 -13.64 7.41
CA ARG A 355 5.56 -14.85 7.79
C ARG A 355 4.64 -14.58 8.97
N GLN A 356 5.05 -13.72 9.90
CA GLN A 356 4.18 -13.36 11.02
C GLN A 356 2.94 -12.61 10.53
N ALA A 357 3.13 -11.70 9.59
CA ALA A 357 2.01 -10.97 9.04
C ALA A 357 1.09 -11.91 8.26
N LEU A 358 1.66 -12.80 7.46
CA LEU A 358 0.83 -13.72 6.68
C LEU A 358 0.08 -14.70 7.58
N GLU A 359 0.67 -15.05 8.73
CA GLU A 359 -0.06 -15.91 9.68
C GLU A 359 -1.28 -15.19 10.24
N ILE A 360 -1.13 -13.92 10.60
CA ILE A 360 -2.30 -13.16 11.06
C ILE A 360 -3.38 -13.16 9.98
N ALA A 361 -2.97 -12.97 8.72
CA ALA A 361 -3.93 -12.86 7.63
C ALA A 361 -4.59 -14.19 7.27
N THR A 362 -4.07 -15.31 7.78
CA THR A 362 -4.65 -16.62 7.46
C THR A 362 -5.09 -17.32 8.74
N ARG A 363 -4.16 -17.99 9.43
CA ARG A 363 -4.52 -18.71 10.65
C ARG A 363 -5.14 -17.78 11.69
N GLY A 364 -4.61 -16.55 11.80
CA GLY A 364 -5.15 -15.61 12.76
C GLY A 364 -6.60 -15.28 12.51
N GLY A 365 -6.96 -15.06 11.24
CA GLY A 365 -8.35 -14.79 10.91
C GLY A 365 -9.29 -15.95 11.18
N ALA A 366 -8.87 -17.16 10.82
CA ALA A 366 -9.66 -18.34 11.16
C ALA A 366 -9.92 -18.41 12.66
N LYS A 367 -8.89 -18.15 13.46
CA LYS A 367 -9.04 -18.24 14.91
C LYS A 367 -10.04 -17.23 15.45
N VAL A 368 -9.96 -15.97 15.00
CA VAL A 368 -10.86 -14.98 15.60
C VAL A 368 -12.29 -15.18 15.14
N LEU A 369 -12.51 -15.79 13.97
CA LEU A 369 -13.84 -16.20 13.53
C LEU A 369 -14.29 -17.51 14.15
N ASN A 370 -13.44 -18.14 14.96
CA ASN A 370 -13.79 -19.38 15.69
C ASN A 370 -13.99 -20.55 14.73
N ARG A 371 -13.10 -20.68 13.75
CA ARG A 371 -13.15 -21.72 12.74
C ARG A 371 -11.85 -22.52 12.77
N ASP A 372 -11.98 -23.84 12.71
CA ASP A 372 -10.80 -24.69 12.61
C ASP A 372 -10.69 -25.36 11.24
N ASP A 373 -11.54 -25.00 10.28
CA ASP A 373 -11.56 -25.69 8.99
C ASP A 373 -11.01 -24.84 7.86
N ILE A 374 -10.56 -23.63 8.14
CA ILE A 374 -9.93 -22.76 7.16
C ILE A 374 -8.67 -22.19 7.77
N GLY A 375 -7.88 -21.50 6.95
CA GLY A 375 -6.71 -20.78 7.43
C GLY A 375 -5.38 -21.43 7.10
N TYR A 376 -5.36 -22.71 6.74
CA TYR A 376 -4.12 -23.34 6.29
C TYR A 376 -4.48 -24.54 5.43
N LEU A 377 -3.47 -25.07 4.75
CA LEU A 377 -3.65 -26.10 3.73
C LEU A 377 -3.11 -27.43 4.26
N ALA A 378 -4.03 -28.35 4.51
CA ALA A 378 -3.71 -29.68 5.01
C ALA A 378 -4.88 -30.57 4.67
N THR A 379 -4.63 -31.89 4.66
CA THR A 379 -5.68 -32.87 4.43
C THR A 379 -6.90 -32.59 5.30
N GLY A 380 -8.07 -32.53 4.67
CA GLY A 380 -9.33 -32.32 5.39
C GLY A 380 -9.70 -30.87 5.65
N MET A 381 -8.80 -29.93 5.37
CA MET A 381 -9.11 -28.51 5.47
C MET A 381 -9.91 -28.08 4.24
N ALA A 382 -10.63 -26.97 4.37
CA ALA A 382 -11.37 -26.43 3.23
C ALA A 382 -10.41 -26.09 2.09
N ALA A 383 -10.85 -26.36 0.86
CA ALA A 383 -10.08 -26.03 -0.33
C ALA A 383 -10.24 -24.53 -0.66
N ASP A 384 -9.57 -23.70 0.16
CA ASP A 384 -9.54 -22.24 0.03
C ASP A 384 -8.07 -21.83 -0.14
N PHE A 385 -7.68 -21.38 -1.33
CA PHE A 385 -6.29 -20.97 -1.55
C PHE A 385 -6.22 -20.12 -2.81
N VAL A 386 -5.13 -19.36 -2.93
CA VAL A 386 -4.95 -18.43 -4.06
C VAL A 386 -3.53 -18.57 -4.55
N ALA A 387 -3.30 -18.14 -5.80
CA ALA A 387 -1.98 -18.23 -6.40
C ALA A 387 -1.63 -16.88 -7.03
N PHE A 388 -0.43 -16.40 -6.76
CA PHE A 388 0.13 -15.23 -7.42
C PHE A 388 1.21 -15.66 -8.41
N ASP A 389 1.21 -15.04 -9.59
CA ASP A 389 2.28 -15.25 -10.57
C ASP A 389 3.56 -14.58 -10.07
N LEU A 390 4.65 -15.34 -9.97
CA LEU A 390 5.93 -14.80 -9.49
C LEU A 390 6.75 -14.14 -10.59
N ASN A 391 6.34 -14.23 -11.86
CA ASN A 391 7.15 -13.70 -12.96
C ASN A 391 6.60 -12.39 -13.50
N THR A 392 5.99 -11.59 -12.63
CA THR A 392 5.49 -10.26 -12.98
C THR A 392 6.55 -9.21 -12.71
N LEU A 393 6.37 -8.03 -13.33
CA LEU A 393 7.26 -6.92 -13.05
C LEU A 393 7.28 -6.60 -11.56
N ASN A 394 6.10 -6.63 -10.92
CA ASN A 394 5.95 -6.24 -9.52
C ASN A 394 6.87 -7.04 -8.59
N LEU A 395 7.12 -8.31 -8.92
CA LEU A 395 7.91 -9.20 -8.08
C LEU A 395 9.28 -9.50 -8.70
N ALA A 396 9.69 -8.77 -9.74
CA ALA A 396 10.99 -8.99 -10.37
C ALA A 396 12.12 -8.69 -9.39
N GLY A 397 13.02 -9.65 -9.25
CA GLY A 397 14.11 -9.53 -8.29
C GLY A 397 13.75 -9.96 -6.88
N ALA A 398 12.54 -10.46 -6.66
CA ALA A 398 12.09 -10.91 -5.34
C ALA A 398 11.88 -12.43 -5.26
N LYS A 399 12.28 -13.18 -6.28
CA LYS A 399 12.07 -14.62 -6.20
C LYS A 399 13.00 -15.32 -5.22
N HIS A 400 13.92 -14.57 -4.61
CA HIS A 400 14.74 -15.09 -3.51
C HIS A 400 13.91 -15.59 -2.35
N ASP A 401 12.69 -15.07 -2.18
CA ASP A 401 11.78 -15.57 -1.15
C ASP A 401 10.37 -15.25 -1.63
N PRO A 402 9.74 -16.18 -2.35
CA PRO A 402 8.40 -15.90 -2.91
C PRO A 402 7.37 -15.48 -1.86
N LEU A 403 7.42 -16.05 -0.67
CA LEU A 403 6.45 -15.68 0.37
C LEU A 403 6.65 -14.22 0.81
N ALA A 404 7.87 -13.86 1.23
CA ALA A 404 8.13 -12.49 1.65
C ALA A 404 7.81 -11.48 0.54
N ALA A 405 8.01 -11.87 -0.72
CA ALA A 405 7.73 -10.96 -1.84
C ALA A 405 6.29 -10.46 -1.81
N LEU A 406 5.35 -11.30 -1.38
CA LEU A 406 3.95 -10.88 -1.33
C LEU A 406 3.70 -9.77 -0.31
N VAL A 407 4.52 -9.70 0.73
CA VAL A 407 4.35 -8.72 1.80
C VAL A 407 5.28 -7.53 1.62
N PHE A 408 6.50 -7.77 1.15
CA PHE A 408 7.45 -6.68 0.99
C PHE A 408 7.29 -5.94 -0.33
N CYS A 409 6.70 -6.56 -1.34
CA CYS A 409 6.44 -5.89 -2.60
C CYS A 409 4.95 -5.57 -2.71
N THR A 410 4.55 -4.97 -3.84
CA THR A 410 3.14 -4.67 -4.09
C THR A 410 2.70 -5.50 -5.30
N PRO A 411 2.24 -6.73 -5.08
CA PRO A 411 1.80 -7.57 -6.20
C PRO A 411 0.49 -7.06 -6.79
N GLY A 412 0.21 -7.50 -8.01
CA GLY A 412 -1.08 -7.26 -8.62
C GLY A 412 -2.12 -8.24 -8.08
N ASN A 413 -3.17 -8.45 -8.88
CA ASN A 413 -4.25 -9.36 -8.55
C ASN A 413 -3.73 -10.80 -8.57
N VAL A 414 -4.44 -11.69 -7.86
CA VAL A 414 -4.12 -13.12 -7.94
C VAL A 414 -4.34 -13.63 -9.35
N ALA A 415 -3.60 -14.69 -9.69
CA ALA A 415 -3.82 -15.40 -10.94
C ALA A 415 -4.97 -16.40 -10.80
N PHE A 416 -5.02 -17.10 -9.66
CA PHE A 416 -6.06 -18.10 -9.42
C PHE A 416 -6.58 -17.98 -8.00
N SER A 417 -7.85 -18.28 -7.82
CA SER A 417 -8.43 -18.38 -6.49
C SER A 417 -9.39 -19.56 -6.48
N VAL A 418 -9.32 -20.35 -5.41
CA VAL A 418 -10.22 -21.46 -5.18
C VAL A 418 -10.87 -21.24 -3.82
N ILE A 419 -12.20 -21.26 -3.78
CA ILE A 419 -12.96 -21.10 -2.55
C ILE A 419 -13.96 -22.23 -2.47
N ASN A 420 -13.89 -23.01 -1.39
CA ASN A 420 -14.77 -24.17 -1.22
C ASN A 420 -14.64 -25.15 -2.39
N GLY A 421 -13.45 -25.27 -2.95
CA GLY A 421 -13.25 -26.14 -4.09
C GLY A 421 -13.68 -25.58 -5.45
N GLN A 422 -14.26 -24.39 -5.48
N GLN A 422 -14.24 -24.39 -5.49
CA GLN A 422 -14.69 -23.75 -6.74
CA GLN A 422 -14.66 -23.76 -6.74
C GLN A 422 -13.58 -22.81 -7.24
C GLN A 422 -13.58 -22.80 -7.23
N VAL A 423 -13.18 -22.97 -8.49
CA VAL A 423 -12.17 -22.09 -9.08
C VAL A 423 -12.88 -20.76 -9.39
N VAL A 424 -12.77 -19.79 -8.49
CA VAL A 424 -13.57 -18.56 -8.64
C VAL A 424 -12.81 -17.49 -9.41
N ILE A 425 -11.49 -17.56 -9.48
CA ILE A 425 -10.68 -16.67 -10.32
C ILE A 425 -9.74 -17.53 -11.14
N ARG A 426 -9.75 -17.32 -12.46
CA ARG A 426 -8.97 -18.12 -13.39
C ARG A 426 -8.19 -17.17 -14.29
N GLU A 427 -6.85 -17.27 -14.23
CA GLU A 427 -5.96 -16.43 -15.03
C GLU A 427 -6.32 -14.97 -14.89
N GLY A 428 -6.53 -14.56 -13.64
CA GLY A 428 -6.79 -13.19 -13.28
C GLY A 428 -8.22 -12.71 -13.47
N VAL A 429 -9.13 -13.59 -13.91
CA VAL A 429 -10.49 -13.19 -14.28
C VAL A 429 -11.47 -13.79 -13.27
N LEU A 430 -12.26 -12.93 -12.64
CA LEU A 430 -13.29 -13.38 -11.72
C LEU A 430 -14.40 -14.09 -12.49
N GLN A 431 -14.70 -15.33 -12.08
CA GLN A 431 -15.57 -16.23 -12.83
C GLN A 431 -17.02 -16.20 -12.37
N THR A 432 -17.29 -15.78 -11.15
CA THR A 432 -18.60 -16.00 -10.54
C THR A 432 -19.60 -14.88 -10.78
N ILE A 433 -19.16 -13.72 -11.26
CA ILE A 433 -20.04 -12.61 -11.61
C ILE A 433 -19.48 -11.98 -12.88
N ASP A 434 -20.31 -11.18 -13.53
CA ASP A 434 -19.88 -10.38 -14.67
C ASP A 434 -19.33 -9.10 -14.07
N LEU A 435 -18.03 -9.09 -13.76
CA LEU A 435 -17.45 -8.02 -12.96
C LEU A 435 -17.61 -6.64 -13.60
N PRO A 436 -17.32 -6.42 -14.88
CA PRO A 436 -17.54 -5.06 -15.42
C PRO A 436 -18.98 -4.61 -15.30
N SER A 437 -19.93 -5.52 -15.46
CA SER A 437 -21.34 -5.17 -15.28
C SER A 437 -21.63 -4.79 -13.83
N VAL A 438 -21.11 -5.56 -12.87
CA VAL A 438 -21.33 -5.21 -11.46
C VAL A 438 -20.70 -3.87 -11.13
N VAL A 439 -19.48 -3.62 -11.60
CA VAL A 439 -18.82 -2.33 -11.37
C VAL A 439 -19.65 -1.19 -11.97
N GLN A 440 -20.16 -1.37 -13.18
CA GLN A 440 -21.02 -0.34 -13.77
C GLN A 440 -22.25 -0.07 -12.91
N GLN A 441 -22.93 -1.13 -12.47
CA GLN A 441 -24.14 -0.92 -11.66
C GLN A 441 -23.79 -0.25 -10.33
N HIS A 442 -22.66 -0.67 -9.74
CA HIS A 442 -22.20 -0.12 -8.46
C HIS A 442 -21.99 1.40 -8.58
N ASN A 443 -21.28 1.82 -9.62
CA ASN A 443 -21.00 3.24 -9.79
C ASN A 443 -22.27 4.02 -10.07
N ARG A 444 -23.20 3.42 -10.82
CA ARG A 444 -24.46 4.11 -11.07
C ARG A 444 -25.28 4.27 -9.79
N LEU A 445 -25.32 3.22 -8.96
CA LEU A 445 -26.03 3.29 -7.68
C LEU A 445 -25.36 4.29 -6.74
N ALA A 446 -24.02 4.33 -6.74
CA ALA A 446 -23.30 5.30 -5.92
C ALA A 446 -23.70 6.73 -6.30
N CYS A 447 -23.86 6.97 -7.60
CA CYS A 447 -24.32 8.27 -8.08
C CYS A 447 -25.74 8.59 -7.61
N LEU A 448 -26.65 7.62 -7.73
CA LEU A 448 -28.01 7.84 -7.28
C LEU A 448 -28.05 8.11 -5.78
N LEU A 449 -27.27 7.35 -5.01
CA LEU A 449 -27.23 7.50 -3.56
C LEU A 449 -26.83 8.90 -3.12
N VAL A 450 -25.76 9.45 -3.71
CA VAL A 450 -25.24 10.72 -3.22
C VAL A 450 -26.08 11.90 -3.69
N ASN A 451 -26.91 11.69 -4.70
CA ASN A 451 -27.77 12.76 -5.20
C ASN A 451 -29.16 12.72 -4.59
N ARG A 452 -29.38 11.87 -3.58
CA ARG A 452 -30.66 11.80 -2.90
C ARG A 452 -30.92 13.11 -2.14
N HIS A 453 -32.19 13.49 -2.06
CA HIS A 453 -32.59 14.65 -1.26
C HIS A 453 -32.47 14.35 0.23
N ARG A 454 -31.69 15.16 0.94
CA ARG A 454 -31.62 15.06 2.40
C ARG A 454 -31.68 16.46 3.03
N LYS B 3 6.34 19.78 -36.43
CA LYS B 3 6.31 19.18 -35.11
C LYS B 3 5.06 18.33 -34.85
N ARG B 4 5.29 17.16 -34.24
CA ARG B 4 4.21 16.21 -33.97
C ARG B 4 3.27 16.76 -32.90
N THR B 5 1.96 16.73 -33.17
CA THR B 5 0.97 17.19 -32.21
C THR B 5 0.19 16.01 -31.67
N LEU B 6 -0.27 16.15 -30.43
CA LEU B 6 -0.97 15.09 -29.74
C LEU B 6 -2.07 15.72 -28.90
N LEU B 7 -3.31 15.25 -29.06
CA LEU B 7 -4.43 15.71 -28.25
C LEU B 7 -4.96 14.59 -27.38
N PHE B 8 -5.01 14.82 -26.07
CA PHE B 8 -5.70 13.95 -25.12
C PHE B 8 -7.01 14.61 -24.77
N LYS B 9 -8.13 13.98 -25.10
CA LYS B 9 -9.39 14.70 -25.01
C LYS B 9 -10.34 14.04 -24.03
N ASN B 10 -11.19 14.89 -23.43
CA ASN B 10 -12.34 14.48 -22.64
C ASN B 10 -11.96 13.64 -21.43
N ALA B 11 -10.86 13.96 -20.75
CA ALA B 11 -10.60 13.30 -19.47
C ALA B 11 -11.75 13.56 -18.51
N GLU B 12 -12.13 12.53 -17.75
CA GLU B 12 -13.17 12.76 -16.73
C GLU B 12 -12.74 13.83 -15.74
N LEU B 13 -11.47 13.82 -15.34
CA LEU B 13 -10.90 14.91 -14.57
C LEU B 13 -9.45 15.09 -14.96
N LEU B 14 -9.09 16.32 -15.33
CA LEU B 14 -7.72 16.70 -15.64
C LEU B 14 -7.18 17.52 -14.47
N VAL B 15 -6.31 16.91 -13.68
CA VAL B 15 -5.67 17.53 -12.51
C VAL B 15 -4.40 18.20 -13.01
N THR B 16 -4.33 19.54 -12.92
CA THR B 16 -3.20 20.23 -13.50
C THR B 16 -2.05 20.45 -12.53
N MET B 17 -2.36 20.57 -11.23
CA MET B 17 -1.39 21.05 -10.24
C MET B 17 -0.84 22.44 -10.62
N ASP B 18 -1.56 23.19 -11.47
CA ASP B 18 -1.05 24.48 -11.93
C ASP B 18 -1.22 25.53 -10.81
N ASP B 19 -0.93 26.78 -11.15
CA ASP B 19 -0.89 27.83 -10.12
C ASP B 19 -2.25 28.07 -9.48
N GLU B 20 -3.34 27.73 -10.16
CA GLU B 20 -4.68 27.77 -9.57
C GLU B 20 -5.16 26.40 -9.10
N ARG B 21 -4.31 25.37 -9.15
CA ARG B 21 -4.71 23.99 -8.87
C ARG B 21 -5.99 23.62 -9.62
N ARG B 22 -6.04 24.00 -10.90
CA ARG B 22 -7.21 23.67 -11.70
C ARG B 22 -7.38 22.17 -11.80
N GLU B 23 -8.62 21.72 -11.63
CA GLU B 23 -9.01 20.31 -11.81
C GLU B 23 -10.19 20.36 -12.76
N ILE B 24 -9.95 20.04 -14.02
CA ILE B 24 -10.89 20.37 -15.09
C ILE B 24 -11.69 19.13 -15.49
N ARG B 25 -13.02 19.21 -15.33
CA ARG B 25 -13.90 18.14 -15.81
C ARG B 25 -13.95 18.18 -17.33
N GLY B 26 -13.76 17.02 -17.98
CA GLY B 26 -13.76 17.06 -19.43
C GLY B 26 -12.54 17.71 -20.03
N GLY B 27 -11.46 17.84 -19.26
CA GLY B 27 -10.32 18.60 -19.72
C GLY B 27 -9.57 17.92 -20.85
N CYS B 28 -8.89 18.75 -21.63
CA CYS B 28 -8.10 18.31 -22.77
C CYS B 28 -6.68 18.86 -22.64
N LEU B 29 -5.74 18.15 -23.25
CA LEU B 29 -4.33 18.52 -23.22
C LEU B 29 -3.80 18.46 -24.65
N LEU B 30 -3.27 19.57 -25.14
CA LEU B 30 -2.69 19.64 -26.47
C LEU B 30 -1.18 19.73 -26.35
N VAL B 31 -0.48 18.82 -27.02
CA VAL B 31 0.96 18.68 -26.94
C VAL B 31 1.55 18.92 -28.32
N GLU B 32 2.69 19.61 -28.37
CA GLU B 32 3.47 19.73 -29.60
C GLU B 32 4.91 19.39 -29.28
N GLY B 33 5.45 18.38 -29.94
CA GLY B 33 6.80 17.94 -29.60
C GLY B 33 6.84 17.47 -28.15
N ASN B 34 7.75 18.04 -27.36
CA ASN B 34 7.92 17.63 -25.97
C ASN B 34 7.21 18.55 -24.98
N ARG B 35 6.37 19.48 -25.43
CA ARG B 35 5.85 20.44 -24.48
C ARG B 35 4.35 20.66 -24.67
N ILE B 36 3.74 21.14 -23.61
CA ILE B 36 2.30 21.41 -23.57
C ILE B 36 2.00 22.72 -24.27
N VAL B 37 1.06 22.67 -25.22
CA VAL B 37 0.59 23.89 -25.86
C VAL B 37 -0.48 24.58 -25.03
N ALA B 38 -1.51 23.84 -24.62
CA ALA B 38 -2.58 24.42 -23.85
C ALA B 38 -3.31 23.31 -23.10
N VAL B 39 -3.99 23.71 -22.03
CA VAL B 39 -4.74 22.82 -21.18
C VAL B 39 -6.11 23.46 -20.98
N GLY B 40 -7.16 22.71 -21.24
CA GLY B 40 -8.48 23.26 -21.02
C GLY B 40 -9.54 22.27 -21.45
N GLY B 41 -10.78 22.70 -21.33
CA GLY B 41 -11.92 22.00 -21.87
C GLY B 41 -12.42 22.81 -23.04
N ASP B 42 -13.73 22.75 -23.27
CA ASP B 42 -14.43 23.55 -24.29
C ASP B 42 -13.77 23.39 -25.66
N GLU B 43 -13.53 24.49 -26.38
CA GLU B 43 -13.13 24.44 -27.78
C GLU B 43 -11.76 23.80 -28.00
N LEU B 44 -10.88 23.77 -26.99
CA LEU B 44 -9.59 23.14 -27.22
C LEU B 44 -9.75 21.66 -27.54
N CYS B 45 -10.83 21.05 -27.05
CA CYS B 45 -11.10 19.64 -27.31
C CYS B 45 -11.37 19.35 -28.79
N ALA B 46 -11.80 20.35 -29.56
CA ALA B 46 -12.01 20.25 -31.01
C ALA B 46 -10.73 20.44 -31.83
N ALA B 47 -9.57 20.51 -31.20
CA ALA B 47 -8.33 20.83 -31.92
C ALA B 47 -7.90 19.67 -32.80
N PRO B 48 -7.52 19.91 -34.05
CA PRO B 48 -6.93 18.82 -34.85
C PRO B 48 -5.53 18.51 -34.35
N ALA B 49 -5.17 17.24 -34.45
CA ALA B 49 -3.86 16.82 -33.99
C ALA B 49 -3.48 15.56 -34.75
N ASP B 50 -2.17 15.33 -34.83
CA ASP B 50 -1.66 14.16 -35.54
C ASP B 50 -2.18 12.88 -34.94
N GLU B 51 -2.25 12.82 -33.61
CA GLU B 51 -2.93 11.72 -32.96
C GLU B 51 -3.82 12.27 -31.85
N GLU B 52 -5.05 11.78 -31.80
CA GLU B 52 -5.97 12.06 -30.71
C GLU B 52 -6.16 10.79 -29.91
N ILE B 53 -6.13 10.90 -28.58
CA ILE B 53 -6.38 9.77 -27.69
C ILE B 53 -7.55 10.13 -26.80
N ASP B 54 -8.53 9.23 -26.75
CA ASP B 54 -9.77 9.46 -26.02
C ASP B 54 -9.59 9.05 -24.57
N LEU B 55 -9.74 10.02 -23.66
CA LEU B 55 -9.51 9.76 -22.25
C LEU B 55 -10.80 9.82 -21.44
N ARG B 56 -11.95 9.63 -22.08
CA ARG B 56 -13.19 9.54 -21.32
C ARG B 56 -13.06 8.45 -20.26
N GLY B 57 -13.64 8.70 -19.10
CA GLY B 57 -13.55 7.73 -18.03
C GLY B 57 -12.22 7.62 -17.33
N HIS B 58 -11.27 8.53 -17.61
CA HIS B 58 -9.94 8.50 -17.02
C HIS B 58 -9.67 9.77 -16.23
N ILE B 59 -8.79 9.67 -15.23
CA ILE B 59 -8.22 10.86 -14.62
C ILE B 59 -6.82 11.05 -15.18
N VAL B 60 -6.46 12.29 -15.52
CA VAL B 60 -5.11 12.66 -15.93
C VAL B 60 -4.48 13.45 -14.80
N ILE B 61 -3.24 13.10 -14.43
CA ILE B 61 -2.50 13.87 -13.43
C ILE B 61 -1.13 14.20 -14.02
N PRO B 62 -0.44 15.21 -13.47
CA PRO B 62 0.96 15.39 -13.86
C PRO B 62 1.75 14.16 -13.48
N GLY B 63 2.76 13.85 -14.28
CA GLY B 63 3.56 12.66 -14.00
C GLY B 63 4.19 12.75 -12.62
N LEU B 64 4.17 11.62 -11.90
CA LEU B 64 4.79 11.60 -10.58
C LEU B 64 6.31 11.70 -10.73
N ILE B 65 6.97 12.25 -9.72
CA ILE B 65 8.41 12.50 -9.75
C ILE B 65 9.03 11.79 -8.55
N ASN B 66 9.89 10.80 -8.81
CA ASN B 66 10.58 10.05 -7.76
C ASN B 66 11.95 10.65 -7.50
N THR B 67 12.26 10.94 -6.22
CA THR B 67 13.47 11.71 -5.92
C THR B 67 14.50 10.95 -5.10
N HIS B 68 14.36 9.63 -5.02
CA HIS B 68 15.39 8.83 -4.37
C HIS B 68 15.17 7.36 -4.70
N HIS B 69 16.26 6.66 -5.00
CA HIS B 69 16.19 5.26 -5.39
C HIS B 69 17.58 4.67 -5.32
N HIS B 70 17.64 3.34 -5.34
CA HIS B 70 18.87 2.57 -5.61
C HIS B 70 18.45 1.43 -6.53
N MET B 71 18.42 1.72 -7.84
CA MET B 71 17.71 0.83 -8.75
C MET B 71 18.41 -0.52 -8.85
N PHE B 72 19.73 -0.57 -8.59
CA PHE B 72 20.46 -1.83 -8.63
C PHE B 72 19.92 -2.82 -7.60
N GLN B 73 19.30 -2.32 -6.53
CA GLN B 73 18.75 -3.19 -5.50
C GLN B 73 17.47 -3.92 -5.93
N SER B 74 16.88 -3.57 -7.07
CA SER B 74 15.74 -4.33 -7.56
C SER B 74 16.14 -5.75 -7.95
N LEU B 75 17.44 -6.02 -8.06
CA LEU B 75 17.92 -7.37 -8.25
C LEU B 75 17.97 -8.18 -6.96
N THR B 76 17.89 -7.51 -5.81
CA THR B 76 18.09 -8.18 -4.51
C THR B 76 16.99 -7.76 -3.53
N ARG B 77 15.74 -8.00 -3.91
CA ARG B 77 14.64 -7.80 -2.99
C ARG B 77 14.47 -9.03 -2.11
N VAL B 78 13.91 -8.82 -0.91
CA VAL B 78 13.61 -9.83 0.11
C VAL B 78 14.67 -10.92 0.22
N ILE B 79 15.94 -10.53 0.19
CA ILE B 79 17.02 -11.48 0.52
C ILE B 79 16.77 -12.04 1.92
N PRO B 80 16.73 -13.37 2.11
CA PRO B 80 16.33 -13.89 3.43
C PRO B 80 17.12 -13.29 4.59
N ASP B 81 18.44 -13.18 4.48
CA ASP B 81 19.22 -12.67 5.60
C ASP B 81 19.08 -11.16 5.78
N ALA B 82 18.34 -10.47 4.92
CA ALA B 82 18.17 -9.04 5.04
C ALA B 82 16.73 -8.62 5.34
N GLN B 83 15.77 -9.54 5.36
CA GLN B 83 14.37 -9.13 5.54
C GLN B 83 14.11 -8.58 6.93
N ASP B 84 14.74 -9.16 7.94
CA ASP B 84 14.49 -8.86 9.35
C ASP B 84 15.80 -8.36 9.95
N GLY B 85 15.82 -8.19 11.27
CA GLY B 85 17.06 -7.82 11.93
C GLY B 85 17.39 -6.33 11.85
N GLU B 86 18.61 -6.00 12.29
CA GLU B 86 19.10 -4.63 12.39
C GLU B 86 19.73 -4.14 11.08
N LEU B 87 19.81 -2.82 10.93
CA LEU B 87 20.43 -2.25 9.74
C LEU B 87 21.86 -2.72 9.55
N PHE B 88 22.59 -2.95 10.65
CA PHE B 88 23.93 -3.52 10.60
C PHE B 88 23.96 -4.82 9.81
N ASP B 89 23.03 -5.73 10.14
CA ASP B 89 22.97 -7.02 9.46
C ASP B 89 22.51 -6.87 8.02
N TRP B 90 21.60 -5.92 7.78
CA TRP B 90 21.10 -5.63 6.44
C TRP B 90 22.25 -5.25 5.52
N LEU B 91 23.07 -4.29 5.96
CA LEU B 91 24.24 -3.87 5.18
C LEU B 91 25.23 -5.01 5.01
N ASN B 92 25.51 -5.73 6.10
CA ASN B 92 26.57 -6.74 6.05
C ASN B 92 26.18 -7.94 5.22
N ASN B 93 24.89 -8.21 5.09
CA ASN B 93 24.47 -9.33 4.28
C ASN B 93 24.23 -8.96 2.83
N LEU B 94 24.01 -7.68 2.54
CA LEU B 94 23.77 -7.25 1.17
C LEU B 94 25.05 -6.83 0.45
N TYR B 95 26.00 -6.18 1.14
CA TYR B 95 27.23 -5.74 0.48
C TYR B 95 27.94 -6.87 -0.25
N PRO B 96 28.17 -8.05 0.34
CA PRO B 96 28.83 -9.12 -0.42
C PRO B 96 28.05 -9.55 -1.64
N ILE B 97 26.72 -9.42 -1.64
CA ILE B 97 25.95 -9.76 -2.83
C ILE B 97 26.19 -8.72 -3.92
N TRP B 98 26.10 -7.44 -3.55
CA TRP B 98 26.29 -6.35 -4.51
C TRP B 98 27.70 -6.32 -5.07
N ALA B 99 28.67 -6.95 -4.39
CA ALA B 99 30.02 -7.03 -4.93
C ALA B 99 30.06 -7.80 -6.25
N GLY B 100 29.00 -8.54 -6.59
CA GLY B 100 28.94 -9.22 -7.86
C GLY B 100 28.25 -8.50 -9.00
N LEU B 101 27.84 -7.25 -8.81
CA LEU B 101 27.10 -6.52 -9.84
C LEU B 101 27.95 -6.31 -11.08
N THR B 102 27.33 -6.51 -12.25
CA THR B 102 27.99 -6.32 -13.55
C THR B 102 27.35 -5.18 -14.31
N PRO B 103 28.07 -4.59 -15.28
CA PRO B 103 27.45 -3.55 -16.11
C PRO B 103 26.10 -3.95 -16.69
N GLU B 104 25.96 -5.19 -17.17
CA GLU B 104 24.67 -5.62 -17.71
C GLU B 104 23.60 -5.61 -16.62
N MET B 105 23.93 -6.03 -15.40
CA MET B 105 22.90 -5.96 -14.38
C MET B 105 22.51 -4.53 -14.07
N ILE B 106 23.45 -3.58 -14.13
CA ILE B 106 23.07 -2.19 -13.92
C ILE B 106 22.12 -1.73 -15.02
N ARG B 107 22.45 -2.05 -16.27
CA ARG B 107 21.60 -1.63 -17.38
C ARG B 107 20.19 -2.22 -17.28
N ILE B 108 20.10 -3.51 -16.95
CA ILE B 108 18.80 -4.18 -16.88
C ILE B 108 18.03 -3.73 -15.65
N SER B 109 18.69 -3.66 -14.49
CA SER B 109 17.96 -3.30 -13.27
C SER B 109 17.45 -1.87 -13.31
N THR B 110 18.17 -0.97 -13.99
CA THR B 110 17.62 0.37 -14.16
C THR B 110 16.29 0.31 -14.91
N GLN B 111 16.23 -0.50 -15.96
N GLN B 111 16.23 -0.49 -15.97
CA GLN B 111 14.99 -0.60 -16.74
CA GLN B 111 15.00 -0.62 -16.75
C GLN B 111 13.88 -1.24 -15.94
C GLN B 111 13.88 -1.22 -15.91
N THR B 112 14.19 -2.29 -15.18
CA THR B 112 13.18 -2.95 -14.37
C THR B 112 12.61 -1.99 -13.33
N ALA B 113 13.48 -1.33 -12.58
CA ALA B 113 13.00 -0.39 -11.56
C ALA B 113 12.23 0.77 -12.19
N MET B 114 12.72 1.29 -13.32
CA MET B 114 12.00 2.38 -13.98
C MET B 114 10.65 1.92 -14.52
N ALA B 115 10.59 0.70 -15.05
CA ALA B 115 9.32 0.18 -15.54
C ALA B 115 8.29 0.10 -14.41
N GLU B 116 8.70 -0.36 -13.23
CA GLU B 116 7.74 -0.42 -12.13
C GLU B 116 7.25 0.97 -11.78
N LEU B 117 8.15 1.94 -11.73
CA LEU B 117 7.74 3.31 -11.44
C LEU B 117 6.81 3.85 -12.54
N MET B 118 7.18 3.63 -13.80
CA MET B 118 6.38 4.19 -14.89
C MET B 118 4.97 3.64 -14.88
N LEU B 119 4.83 2.34 -14.65
CA LEU B 119 3.48 1.76 -14.64
C LEU B 119 2.67 2.19 -13.42
N SER B 120 3.33 2.73 -12.39
CA SER B 120 2.62 3.21 -11.20
C SER B 120 2.57 4.74 -11.15
N GLY B 121 2.77 5.40 -12.29
CA GLY B 121 2.46 6.80 -12.47
C GLY B 121 3.64 7.75 -12.58
N CYS B 122 4.86 7.24 -12.53
CA CYS B 122 6.04 8.09 -12.45
C CYS B 122 6.64 8.39 -13.83
N THR B 123 6.97 9.66 -14.08
CA THR B 123 7.53 10.06 -15.36
C THR B 123 8.94 10.63 -15.27
N THR B 124 9.38 11.09 -14.07
CA THR B 124 10.75 11.49 -13.82
C THR B 124 11.25 10.76 -12.57
N SER B 125 12.48 10.25 -12.60
CA SER B 125 13.07 9.66 -11.41
C SER B 125 14.55 10.02 -11.33
N SER B 126 15.01 10.20 -10.10
CA SER B 126 16.43 10.13 -9.83
C SER B 126 16.79 8.70 -9.46
N ASP B 127 18.09 8.46 -9.35
CA ASP B 127 18.64 7.22 -8.82
C ASP B 127 19.85 7.58 -7.99
N HIS B 128 20.31 6.64 -7.17
CA HIS B 128 21.47 6.87 -6.32
C HIS B 128 22.31 5.58 -6.36
N LEU B 129 22.93 5.35 -7.50
CA LEU B 129 23.89 4.27 -7.67
C LEU B 129 25.19 4.66 -6.98
N TYR B 130 25.58 3.90 -5.95
CA TYR B 130 26.76 4.25 -5.17
C TYR B 130 27.78 3.11 -5.05
N VAL B 131 27.62 2.03 -5.79
CA VAL B 131 28.62 0.97 -5.85
C VAL B 131 29.02 0.74 -7.31
N TYR B 132 30.32 0.52 -7.55
CA TYR B 132 30.81 0.39 -8.92
C TYR B 132 31.77 -0.79 -9.08
N PRO B 133 31.38 -2.00 -8.71
CA PRO B 133 32.29 -3.14 -8.84
C PRO B 133 32.37 -3.60 -10.29
N ASN B 134 33.39 -4.40 -10.57
CA ASN B 134 33.46 -5.18 -11.81
C ASN B 134 33.28 -4.31 -13.05
N GLY B 135 33.82 -3.10 -13.03
CA GLY B 135 33.72 -2.23 -14.18
C GLY B 135 32.40 -1.54 -14.37
N CYS B 136 31.47 -1.67 -13.43
CA CYS B 136 30.21 -0.92 -13.48
C CYS B 136 30.46 0.58 -13.55
N ARG B 137 29.62 1.29 -14.31
CA ARG B 137 29.69 2.74 -14.43
C ARG B 137 28.28 3.31 -14.46
N LEU B 138 28.16 4.58 -14.07
CA LEU B 138 26.88 5.27 -14.19
C LEU B 138 26.38 5.23 -15.64
N ASP B 139 27.29 5.16 -16.60
CA ASP B 139 26.94 5.06 -18.02
C ASP B 139 26.00 3.88 -18.28
N ASP B 140 26.21 2.76 -17.59
CA ASP B 140 25.35 1.59 -17.82
C ASP B 140 23.92 1.87 -17.41
N SER B 141 23.74 2.58 -16.30
CA SER B 141 22.39 2.99 -15.89
C SER B 141 21.80 4.00 -16.88
N ILE B 142 22.62 4.93 -17.37
CA ILE B 142 22.13 5.90 -18.35
C ILE B 142 21.68 5.21 -19.64
N ASP B 143 22.42 4.17 -20.06
CA ASP B 143 22.04 3.39 -21.24
C ASP B 143 20.65 2.75 -21.05
N GLY B 144 20.40 2.14 -19.89
CA GLY B 144 19.09 1.56 -19.66
C GLY B 144 17.99 2.60 -19.63
N ALA B 145 18.24 3.73 -18.97
CA ALA B 145 17.23 4.78 -18.90
C ALA B 145 16.89 5.34 -20.27
N ARG B 146 17.88 5.42 -21.16
CA ARG B 146 17.64 5.96 -22.49
C ARG B 146 16.73 5.06 -23.31
N GLU B 147 16.89 3.74 -23.20
N GLU B 147 16.86 3.74 -23.12
CA GLU B 147 15.97 2.85 -23.91
CA GLU B 147 16.04 2.76 -23.84
C GLU B 147 14.52 3.07 -23.45
C GLU B 147 14.57 2.77 -23.42
N ILE B 148 14.29 3.06 -22.14
CA ILE B 148 12.91 3.02 -21.66
C ILE B 148 12.22 4.38 -21.72
N GLY B 149 12.98 5.47 -21.85
CA GLY B 149 12.39 6.77 -22.15
C GLY B 149 11.92 7.59 -20.96
N MET B 150 12.42 7.32 -19.76
CA MET B 150 12.02 8.03 -18.55
C MET B 150 12.93 9.24 -18.37
N ARG B 151 12.37 10.36 -17.89
CA ARG B 151 13.19 11.53 -17.60
C ARG B 151 14.04 11.25 -16.35
N PHE B 152 15.36 11.47 -16.43
CA PHE B 152 16.31 10.81 -15.53
C PHE B 152 17.27 11.81 -14.90
N HIS B 153 17.35 11.81 -13.57
CA HIS B 153 18.39 12.53 -12.82
C HIS B 153 19.33 11.47 -12.24
N ALA B 154 20.44 11.24 -12.91
CA ALA B 154 21.39 10.20 -12.52
C ALA B 154 22.38 10.79 -11.51
N CYS B 155 22.42 10.20 -10.31
CA CYS B 155 23.38 10.64 -9.29
C CYS B 155 24.64 9.81 -9.36
N ARG B 156 25.80 10.48 -9.38
CA ARG B 156 27.09 9.82 -9.20
C ARG B 156 27.25 9.59 -7.70
N GLY B 157 26.69 8.47 -7.23
CA GLY B 157 26.91 8.09 -5.85
C GLY B 157 28.34 7.66 -5.61
N SER B 158 28.77 7.71 -4.35
CA SER B 158 30.15 7.35 -4.07
C SER B 158 30.30 6.98 -2.62
N MET B 159 31.27 6.11 -2.36
CA MET B 159 31.75 5.78 -1.01
C MET B 159 33.25 5.62 -1.09
N SER B 160 33.95 6.09 -0.05
CA SER B 160 35.39 5.91 0.04
C SER B 160 35.86 5.29 1.35
N VAL B 161 35.00 5.13 2.35
CA VAL B 161 35.39 4.64 3.66
C VAL B 161 34.95 3.18 3.76
N GLY B 162 35.88 2.27 3.46
CA GLY B 162 35.61 0.85 3.50
C GLY B 162 36.20 0.19 4.74
N ARG B 163 36.32 -1.14 4.69
CA ARG B 163 36.78 -1.90 5.83
C ARG B 163 38.17 -1.43 6.29
N SER B 164 39.13 -1.29 5.37
CA SER B 164 40.49 -0.87 5.74
C SER B 164 40.51 0.47 6.46
N LYS B 165 39.52 1.33 6.25
CA LYS B 165 39.47 2.62 6.92
C LYS B 165 38.41 2.65 8.02
N GLY B 166 37.94 1.47 8.45
CA GLY B 166 37.04 1.39 9.59
C GLY B 166 35.57 1.50 9.26
N GLY B 167 35.19 1.40 7.98
CA GLY B 167 33.81 1.40 7.59
C GLY B 167 33.30 -0.01 7.37
N LEU B 168 32.01 -0.10 7.09
CA LEU B 168 31.34 -1.37 6.85
C LEU B 168 31.54 -1.95 5.46
N PRO B 169 31.44 -1.16 4.38
CA PRO B 169 31.54 -1.77 3.04
C PRO B 169 32.88 -2.46 2.85
N PRO B 170 32.90 -3.56 2.12
CA PRO B 170 34.20 -4.15 1.75
C PRO B 170 34.96 -3.16 0.87
N ASP B 171 36.29 -3.29 0.89
CA ASP B 171 37.12 -2.36 0.14
C ASP B 171 36.81 -2.41 -1.35
N GLU B 172 36.40 -3.58 -1.86
CA GLU B 172 36.06 -3.69 -3.27
C GLU B 172 34.84 -2.85 -3.65
N LEU B 173 34.12 -2.31 -2.67
CA LEU B 173 32.95 -1.47 -2.91
C LEU B 173 33.18 0.00 -2.60
N VAL B 174 34.42 0.41 -2.34
CA VAL B 174 34.73 1.83 -2.15
C VAL B 174 35.80 2.24 -3.16
N GLU B 175 35.94 3.55 -3.33
CA GLU B 175 36.83 4.10 -4.34
C GLU B 175 37.74 5.15 -3.71
N ASN B 176 38.85 5.40 -4.41
CA ASN B 176 39.74 6.51 -4.07
C ASN B 176 39.03 7.83 -4.38
N GLU B 177 39.24 8.84 -3.53
CA GLU B 177 38.48 10.08 -3.65
C GLU B 177 38.88 10.90 -4.87
N GLN B 178 40.15 10.83 -5.28
CA GLN B 178 40.51 11.53 -6.51
C GLN B 178 39.82 10.89 -7.72
N ALA B 179 39.72 9.56 -7.73
CA ALA B 179 39.01 8.88 -8.81
C ALA B 179 37.54 9.24 -8.84
N ILE B 180 36.91 9.39 -7.66
CA ILE B 180 35.50 9.76 -7.61
C ILE B 180 35.29 11.14 -8.25
N LEU B 181 36.10 12.13 -7.86
CA LEU B 181 35.94 13.47 -8.43
C LEU B 181 36.19 13.47 -9.94
N GLU B 182 37.21 12.74 -10.41
CA GLU B 182 37.46 12.70 -11.84
C GLU B 182 36.31 12.08 -12.61
N ASP B 183 35.74 10.99 -12.09
CA ASP B 183 34.61 10.37 -12.77
C ASP B 183 33.37 11.26 -12.71
N SER B 184 33.18 11.94 -11.58
CA SER B 184 32.08 12.88 -11.47
C SER B 184 32.17 13.95 -12.54
N LEU B 185 33.36 14.50 -12.72
CA LEU B 185 33.54 15.55 -13.70
C LEU B 185 33.32 15.03 -15.11
N ARG B 186 33.81 13.82 -15.40
CA ARG B 186 33.61 13.21 -16.70
C ARG B 186 32.12 13.03 -16.99
N LEU B 187 31.36 12.56 -16.00
CA LEU B 187 29.94 12.29 -16.18
C LEU B 187 29.16 13.56 -16.48
N ILE B 188 29.45 14.63 -15.74
CA ILE B 188 28.82 15.92 -16.01
C ILE B 188 29.12 16.36 -17.44
N HIS B 189 30.39 16.34 -17.83
CA HIS B 189 30.75 16.79 -19.17
C HIS B 189 30.06 15.95 -20.23
N SER B 190 29.94 14.65 -20.00
CA SER B 190 29.43 13.77 -21.05
C SER B 190 27.92 13.75 -21.15
N TYR B 191 27.21 13.98 -20.03
CA TYR B 191 25.80 13.61 -19.94
C TYR B 191 24.88 14.69 -19.45
N HIS B 192 25.37 15.67 -18.69
CA HIS B 192 24.46 16.62 -18.07
C HIS B 192 23.92 17.60 -19.10
N ASP B 193 22.61 17.58 -19.31
CA ASP B 193 21.94 18.50 -20.21
C ASP B 193 21.18 19.51 -19.35
N ALA B 194 21.66 20.76 -19.33
CA ALA B 194 21.07 21.78 -18.48
C ALA B 194 19.91 22.52 -19.14
N GLN B 195 19.59 22.21 -20.39
CA GLN B 195 18.55 22.98 -21.06
C GLN B 195 17.15 22.52 -20.66
N ARG B 196 16.18 23.40 -20.92
CA ARG B 196 14.79 23.12 -20.65
C ARG B 196 14.37 21.84 -21.34
N TYR B 197 13.53 21.05 -20.66
CA TYR B 197 13.03 19.75 -21.11
C TYR B 197 14.12 18.68 -21.19
N SER B 198 15.27 18.90 -20.55
CA SER B 198 16.33 17.91 -20.50
C SER B 198 15.80 16.56 -20.05
N MET B 199 16.20 15.51 -20.75
CA MET B 199 15.87 14.15 -20.34
C MET B 199 16.95 13.52 -19.47
N LEU B 200 18.09 14.18 -19.26
CA LEU B 200 19.18 13.61 -18.47
C LEU B 200 19.93 14.72 -17.75
N ARG B 201 19.98 14.63 -16.43
CA ARG B 201 20.80 15.54 -15.63
C ARG B 201 21.60 14.71 -14.65
N ILE B 202 22.76 15.24 -14.28
CA ILE B 202 23.68 14.57 -13.36
C ILE B 202 23.65 15.33 -12.05
N ALA B 203 23.65 14.59 -10.95
CA ALA B 203 23.89 15.14 -9.63
C ALA B 203 25.02 14.37 -8.95
N LEU B 204 25.65 15.01 -7.97
CA LEU B 204 26.78 14.40 -7.27
C LEU B 204 26.31 13.99 -5.87
N ALA B 205 26.65 12.78 -5.44
CA ALA B 205 25.96 12.15 -4.30
C ALA B 205 26.82 11.17 -3.52
N PRO B 206 27.76 11.65 -2.71
CA PRO B 206 28.36 10.77 -1.70
C PRO B 206 27.25 10.07 -0.91
N CYS B 207 27.42 8.76 -0.66
CA CYS B 207 26.30 7.97 -0.13
C CYS B 207 25.77 8.55 1.17
N SER B 208 26.67 8.98 2.04
CA SER B 208 26.33 9.75 3.21
C SER B 208 27.57 10.56 3.57
N PRO B 209 27.41 11.65 4.33
CA PRO B 209 28.60 12.39 4.79
C PRO B 209 29.54 11.56 5.67
N PHE B 210 29.17 10.33 6.02
CA PHE B 210 30.02 9.45 6.83
C PHE B 210 30.72 8.34 6.04
N SER B 211 30.30 8.06 4.81
CA SER B 211 30.93 7.04 3.99
C SER B 211 32.02 7.60 3.09
N VAL B 212 32.28 8.91 3.15
CA VAL B 212 33.36 9.55 2.43
C VAL B 212 34.00 10.53 3.39
N SER B 213 35.19 11.02 3.02
CA SER B 213 35.87 11.97 3.89
C SER B 213 35.14 13.31 3.87
N ARG B 214 35.37 14.08 4.93
CA ARG B 214 34.79 15.39 5.00
C ARG B 214 35.38 16.32 3.94
N GLU B 215 36.64 16.07 3.56
CA GLU B 215 37.23 16.79 2.44
C GLU B 215 36.50 16.48 1.12
N LEU B 216 36.08 15.22 0.94
CA LEU B 216 35.37 14.89 -0.30
C LEU B 216 33.96 15.50 -0.33
N MET B 217 33.29 15.62 0.80
CA MET B 217 32.01 16.33 0.78
C MET B 217 32.18 17.78 0.34
N VAL B 218 33.20 18.47 0.84
CA VAL B 218 33.39 19.87 0.48
C VAL B 218 33.80 20.00 -0.99
N LYS B 219 34.71 19.12 -1.47
CA LYS B 219 35.16 19.19 -2.85
C LYS B 219 34.04 18.86 -3.84
N THR B 220 33.18 17.91 -3.49
CA THR B 220 32.04 17.58 -4.32
C THR B 220 31.08 18.77 -4.44
N ALA B 221 30.76 19.40 -3.31
CA ALA B 221 29.93 20.59 -3.33
C ALA B 221 30.53 21.68 -4.21
N GLN B 222 31.84 21.94 -4.05
CA GLN B 222 32.54 22.92 -4.87
C GLN B 222 32.37 22.63 -6.36
N MET B 223 32.62 21.38 -6.76
CA MET B 223 32.50 20.99 -8.17
C MET B 223 31.06 21.14 -8.67
N ALA B 224 30.08 20.71 -7.86
CA ALA B 224 28.68 20.85 -8.28
C ALA B 224 28.32 22.32 -8.50
N ARG B 225 28.75 23.21 -7.60
CA ARG B 225 28.44 24.62 -7.75
C ARG B 225 29.11 25.19 -9.00
N GLU B 226 30.36 24.79 -9.24
CA GLU B 226 31.07 25.24 -10.44
C GLU B 226 30.39 24.75 -11.71
N GLN B 227 29.88 23.53 -11.71
CA GLN B 227 29.28 22.93 -12.91
C GLN B 227 27.78 23.18 -13.03
N GLY B 228 27.14 23.76 -12.01
CA GLY B 228 25.72 24.03 -12.08
C GLY B 228 24.82 22.81 -11.95
N VAL B 229 25.22 21.81 -11.14
CA VAL B 229 24.42 20.62 -10.92
C VAL B 229 24.08 20.52 -9.42
N SER B 230 23.21 19.55 -9.08
CA SER B 230 22.72 19.39 -7.72
C SER B 230 23.55 18.40 -6.90
N LEU B 231 23.23 18.35 -5.60
CA LEU B 231 23.93 17.56 -4.58
C LEU B 231 22.89 16.75 -3.82
N HIS B 232 23.17 15.47 -3.59
CA HIS B 232 22.21 14.56 -2.95
C HIS B 232 22.97 13.63 -2.00
N THR B 233 22.37 13.33 -0.84
CA THR B 233 22.97 12.37 0.10
C THR B 233 21.87 11.90 1.05
N HIS B 234 22.18 10.87 1.83
CA HIS B 234 21.33 10.45 2.93
C HIS B 234 21.61 11.27 4.18
N LEU B 235 20.57 11.73 4.87
CA LEU B 235 20.80 12.53 6.07
C LEU B 235 19.78 12.20 7.16
N ALA B 236 20.29 12.03 8.38
CA ALA B 236 19.45 11.91 9.58
C ALA B 236 18.36 10.86 9.40
N GLU B 237 18.76 9.69 8.88
CA GLU B 237 17.76 8.68 8.56
C GLU B 237 17.30 7.92 9.80
N ASN B 238 18.12 7.87 10.85
CA ASN B 238 17.80 7.05 12.01
C ASN B 238 18.56 7.60 13.21
N ASP B 239 18.33 6.99 14.38
CA ASP B 239 18.96 7.47 15.61
C ASP B 239 20.47 7.32 15.56
N SER B 240 20.96 6.32 14.83
N SER B 240 20.96 6.30 14.85
CA SER B 240 22.40 6.10 14.77
CA SER B 240 22.39 6.09 14.74
C SER B 240 23.09 7.21 13.99
C SER B 240 23.07 7.24 14.01
N ASP B 241 22.44 7.73 12.93
CA ASP B 241 23.01 8.85 12.19
C ASP B 241 23.18 10.07 13.08
N VAL B 242 22.21 10.32 13.95
CA VAL B 242 22.25 11.49 14.82
C VAL B 242 23.36 11.36 15.85
N SER B 243 23.47 10.18 16.48
CA SER B 243 24.53 9.97 17.47
C SER B 243 25.90 10.03 16.82
N TYR B 244 26.05 9.42 15.64
CA TYR B 244 27.32 9.44 14.94
C TYR B 244 27.78 10.86 14.67
N SER B 245 26.87 11.69 14.18
CA SER B 245 27.18 13.08 13.90
C SER B 245 27.60 13.81 15.16
N GLN B 246 26.90 13.56 16.27
CA GLN B 246 27.24 14.23 17.51
C GLN B 246 28.59 13.76 18.04
N THR B 247 28.79 12.44 18.08
CA THR B 247 30.03 11.91 18.64
C THR B 247 31.22 12.35 17.81
N HIS B 248 31.14 12.18 16.49
CA HIS B 248 32.31 12.33 15.64
C HIS B 248 32.57 13.78 15.20
N PHE B 249 31.53 14.63 15.16
CA PHE B 249 31.73 15.98 14.63
C PHE B 249 31.22 17.08 15.54
N GLY B 250 30.57 16.76 16.65
CA GLY B 250 30.08 17.77 17.57
C GLY B 250 28.91 18.57 17.04
N MET B 251 28.12 17.98 16.13
CA MET B 251 27.14 18.67 15.31
C MET B 251 25.94 17.75 15.08
N THR B 252 24.76 18.35 14.94
CA THR B 252 23.63 17.60 14.43
C THR B 252 23.81 17.34 12.94
N PRO B 253 23.11 16.36 12.37
CA PRO B 253 23.20 16.14 10.92
C PRO B 253 22.99 17.41 10.09
N ALA B 254 22.01 18.24 10.45
CA ALA B 254 21.77 19.45 9.66
C ALA B 254 22.88 20.48 9.85
N GLN B 255 23.39 20.61 11.07
CA GLN B 255 24.54 21.46 11.31
C GLN B 255 25.75 20.99 10.50
N TYR B 256 25.92 19.67 10.40
CA TYR B 256 27.04 19.10 9.65
C TYR B 256 26.90 19.44 8.17
N ALA B 257 25.70 19.28 7.62
CA ALA B 257 25.46 19.63 6.23
C ALA B 257 25.76 21.11 5.96
N GLU B 258 25.24 21.99 6.82
CA GLU B 258 25.51 23.42 6.65
C GLU B 258 27.01 23.72 6.69
N ASP B 259 27.72 23.09 7.61
CA ASP B 259 29.16 23.32 7.75
C ASP B 259 29.94 22.90 6.50
N LEU B 260 29.45 21.90 5.77
CA LEU B 260 30.06 21.45 4.52
C LEU B 260 29.57 22.21 3.29
N GLY B 261 28.66 23.16 3.44
CA GLY B 261 28.07 23.83 2.30
C GLY B 261 26.93 23.08 1.65
N TRP B 262 26.48 22.00 2.26
CA TRP B 262 25.42 21.14 1.72
C TRP B 262 24.04 21.63 2.15
N VAL B 263 23.81 22.93 1.93
CA VAL B 263 22.49 23.55 2.04
C VAL B 263 22.30 24.40 0.80
N GLY B 264 21.04 24.62 0.43
CA GLY B 264 20.71 25.40 -0.76
C GLY B 264 19.69 24.67 -1.62
N SER B 265 19.12 25.43 -2.55
CA SER B 265 18.11 24.85 -3.44
C SER B 265 18.71 23.86 -4.44
N ASP B 266 20.04 23.80 -4.56
CA ASP B 266 20.68 22.76 -5.35
C ASP B 266 21.11 21.55 -4.52
N VAL B 267 20.50 21.38 -3.34
CA VAL B 267 20.77 20.26 -2.44
C VAL B 267 19.45 19.62 -2.06
N TRP B 268 19.38 18.29 -2.08
CA TRP B 268 18.28 17.61 -1.43
C TRP B 268 18.80 16.36 -0.71
N HIS B 269 18.30 16.17 0.51
CA HIS B 269 18.72 15.11 1.42
C HIS B 269 17.64 14.05 1.51
N ALA B 270 18.02 12.78 1.37
CA ALA B 270 17.06 11.69 1.53
C ALA B 270 16.78 11.43 3.01
N HIS B 271 15.50 11.13 3.30
CA HIS B 271 14.98 10.68 4.58
C HIS B 271 14.75 11.83 5.56
N CYS B 272 15.79 12.29 6.26
CA CYS B 272 15.62 13.35 7.26
C CYS B 272 14.56 12.97 8.30
N VAL B 273 14.50 11.68 8.63
CA VAL B 273 13.54 11.19 9.62
C VAL B 273 13.77 11.85 10.97
N LYS B 274 15.03 12.03 11.35
CA LYS B 274 15.41 12.54 12.67
C LYS B 274 15.88 13.99 12.61
N LEU B 275 15.52 14.71 11.55
CA LEU B 275 15.82 16.13 11.46
C LEU B 275 15.12 16.88 12.60
N ASP B 276 15.88 17.73 13.31
CA ASP B 276 15.33 18.42 14.47
C ASP B 276 14.73 19.77 14.08
N ARG B 277 14.14 20.46 15.07
CA ARG B 277 13.46 21.72 14.77
C ARG B 277 14.41 22.75 14.15
N ALA B 278 15.62 22.88 14.71
CA ALA B 278 16.59 23.81 14.15
C ALA B 278 16.98 23.41 12.74
N GLY B 279 17.09 22.11 12.49
CA GLY B 279 17.42 21.66 11.14
C GLY B 279 16.30 21.92 10.16
N ILE B 280 15.05 21.73 10.59
CA ILE B 280 13.91 22.06 9.73
C ILE B 280 13.93 23.54 9.37
N SER B 281 14.16 24.41 10.36
CA SER B 281 14.17 25.85 10.08
C SER B 281 15.34 26.23 9.18
N LEU B 282 16.51 25.67 9.43
CA LEU B 282 17.66 25.91 8.56
C LEU B 282 17.33 25.52 7.12
N PHE B 283 16.75 24.33 6.93
CA PHE B 283 16.41 23.88 5.58
C PHE B 283 15.40 24.81 4.94
N ALA B 284 14.42 25.27 5.73
CA ALA B 284 13.39 26.18 5.19
C ALA B 284 14.00 27.49 4.72
N ARG B 285 14.87 28.09 5.52
CA ARG B 285 15.41 29.38 5.11
C ARG B 285 16.49 29.28 4.05
N THR B 286 17.13 28.12 3.88
CA THR B 286 18.13 27.96 2.83
C THR B 286 17.56 27.34 1.55
N GLY B 287 16.31 26.90 1.56
CA GLY B 287 15.76 26.22 0.40
C GLY B 287 16.26 24.80 0.21
N THR B 288 16.83 24.19 1.24
CA THR B 288 17.35 22.84 1.10
C THR B 288 16.19 21.86 1.01
N GLY B 289 16.29 20.88 0.08
CA GLY B 289 15.20 19.94 -0.15
C GLY B 289 15.32 18.63 0.64
N VAL B 290 14.19 17.91 0.69
CA VAL B 290 14.07 16.63 1.40
C VAL B 290 13.37 15.63 0.48
N ALA B 291 13.94 14.43 0.35
CA ALA B 291 13.26 13.31 -0.31
C ALA B 291 12.68 12.41 0.78
N HIS B 292 11.35 12.43 0.92
CA HIS B 292 10.63 11.66 1.91
C HIS B 292 10.35 10.25 1.38
N CYS B 293 10.79 9.22 2.12
CA CYS B 293 10.68 7.82 1.69
C CYS B 293 9.91 7.02 2.73
N PRO B 294 8.58 7.14 2.77
CA PRO B 294 7.82 6.56 3.90
C PRO B 294 7.90 5.03 4.01
N CYS B 295 7.73 4.29 2.92
CA CYS B 295 7.76 2.83 3.01
C CYS B 295 9.12 2.34 3.51
N SER B 296 10.20 2.90 2.98
CA SER B 296 11.53 2.57 3.47
C SER B 296 11.67 2.88 4.96
N ASN B 297 11.20 4.05 5.37
CA ASN B 297 11.35 4.45 6.77
C ASN B 297 10.58 3.50 7.68
N MET B 298 9.50 2.89 7.17
CA MET B 298 8.74 1.92 7.95
C MET B 298 9.39 0.53 7.90
N ARG B 299 9.75 0.08 6.70
CA ARG B 299 10.29 -1.25 6.50
C ARG B 299 11.64 -1.44 7.19
N LEU B 300 12.43 -0.38 7.32
CA LEU B 300 13.67 -0.44 8.09
C LEU B 300 13.50 0.04 9.52
N ALA B 301 12.27 0.37 9.93
CA ALA B 301 11.97 0.83 11.29
C ALA B 301 12.78 2.07 11.65
N SER B 302 12.97 2.96 10.65
CA SER B 302 13.70 4.20 10.88
C SER B 302 12.90 5.18 11.71
N GLY B 303 11.62 5.38 11.36
CA GLY B 303 10.72 6.24 12.10
C GLY B 303 9.80 7.05 11.18
N ILE B 304 9.00 7.94 11.76
CA ILE B 304 8.09 8.80 11.00
C ILE B 304 8.74 10.16 10.84
N ALA B 305 9.06 10.54 9.60
CA ALA B 305 9.68 11.85 9.39
C ALA B 305 8.66 12.97 9.67
N PRO B 306 9.10 14.10 10.22
CA PRO B 306 8.18 15.21 10.53
C PRO B 306 7.82 16.04 9.30
N ILE B 307 7.19 15.39 8.31
CA ILE B 307 6.94 16.02 7.02
C ILE B 307 5.97 17.19 7.15
N ARG B 308 4.89 17.02 7.91
CA ARG B 308 3.95 18.13 8.12
C ARG B 308 4.67 19.34 8.72
N ALA B 309 5.52 19.12 9.73
CA ALA B 309 6.27 20.24 10.30
C ALA B 309 7.18 20.88 9.26
N MET B 310 7.86 20.07 8.45
CA MET B 310 8.70 20.63 7.38
C MET B 310 7.87 21.47 6.41
N LEU B 311 6.74 20.94 5.97
CA LEU B 311 5.88 21.68 5.04
C LEU B 311 5.37 22.98 5.66
N ASP B 312 5.01 22.94 6.95
CA ASP B 312 4.46 24.12 7.58
C ASP B 312 5.49 25.26 7.64
N GLU B 313 6.78 24.95 7.61
CA GLU B 313 7.78 26.01 7.61
C GLU B 313 8.25 26.41 6.22
N GLY B 314 7.82 25.72 5.17
CA GLY B 314 8.27 26.05 3.84
C GLY B 314 9.40 25.21 3.29
N VAL B 315 9.67 24.05 3.89
CA VAL B 315 10.67 23.14 3.35
C VAL B 315 10.13 22.50 2.07
N SER B 316 10.98 22.45 1.05
CA SER B 316 10.66 21.76 -0.19
C SER B 316 10.78 20.25 0.00
N VAL B 317 9.67 19.53 -0.13
CA VAL B 317 9.66 18.09 0.12
C VAL B 317 9.21 17.36 -1.13
N GLY B 318 10.02 16.40 -1.58
CA GLY B 318 9.64 15.47 -2.61
C GLY B 318 9.47 14.08 -2.02
N LEU B 319 9.11 13.15 -2.89
CA LEU B 319 8.81 11.79 -2.50
C LEU B 319 9.77 10.83 -3.17
N GLY B 320 10.13 9.76 -2.47
CA GLY B 320 10.98 8.74 -3.06
C GLY B 320 10.64 7.34 -2.60
N VAL B 321 10.76 6.35 -3.50
CA VAL B 321 10.57 4.96 -3.08
C VAL B 321 11.80 4.38 -2.38
N ASP B 322 12.99 4.96 -2.60
CA ASP B 322 14.26 4.41 -2.08
C ASP B 322 14.57 3.09 -2.80
N GLY B 323 15.73 2.50 -2.52
CA GLY B 323 16.11 1.27 -3.17
C GLY B 323 15.18 0.12 -2.82
N SER B 324 15.05 -0.79 -3.77
CA SER B 324 14.10 -1.90 -3.65
C SER B 324 14.54 -2.97 -2.67
N ALA B 325 15.72 -2.85 -2.05
CA ALA B 325 16.03 -3.74 -0.93
C ALA B 325 15.59 -3.14 0.39
N SER B 326 15.03 -1.94 0.37
CA SER B 326 14.50 -1.33 1.56
C SER B 326 13.18 -0.61 1.22
N ASN B 327 12.24 -1.39 0.67
CA ASN B 327 10.88 -0.91 0.51
C ASN B 327 9.86 -2.05 0.65
N ASP B 328 9.88 -3.09 -0.19
CA ASP B 328 10.80 -3.38 -1.27
C ASP B 328 10.10 -3.12 -2.62
N ALA B 329 8.97 -2.41 -2.59
CA ALA B 329 8.22 -2.11 -3.80
C ALA B 329 8.80 -0.88 -4.51
N GLY B 330 8.40 -0.70 -5.77
CA GLY B 330 8.77 0.48 -6.53
C GLY B 330 7.55 1.16 -7.11
N ASN B 331 6.55 1.41 -6.28
CA ASN B 331 5.23 1.78 -6.75
C ASN B 331 4.97 3.22 -6.31
N MET B 332 5.05 4.16 -7.27
CA MET B 332 4.94 5.59 -6.94
C MET B 332 3.61 5.99 -6.36
N ILE B 333 2.51 5.55 -6.98
CA ILE B 333 1.24 6.01 -6.43
C ILE B 333 0.99 5.37 -5.06
N ALA B 334 1.43 4.12 -4.85
CA ALA B 334 1.34 3.53 -3.52
C ALA B 334 2.23 4.25 -2.52
N GLU B 335 3.37 4.77 -2.97
CA GLU B 335 4.21 5.55 -2.07
C GLU B 335 3.53 6.86 -1.66
N THR B 336 2.76 7.46 -2.57
CA THR B 336 2.01 8.67 -2.29
C THR B 336 0.94 8.41 -1.24
N ARG B 337 0.20 7.31 -1.41
CA ARG B 337 -0.74 6.84 -0.39
C ARG B 337 -0.06 6.68 0.97
N GLN B 338 1.09 6.00 0.99
CA GLN B 338 1.78 5.76 2.25
C GLN B 338 2.17 7.07 2.93
N ALA B 339 2.58 8.08 2.14
CA ALA B 339 2.92 9.37 2.74
C ALA B 339 1.74 9.94 3.50
N MET B 340 0.55 9.88 2.91
N MET B 340 0.54 9.87 2.91
CA MET B 340 -0.65 10.37 3.59
CA MET B 340 -0.67 10.35 3.56
C MET B 340 -0.96 9.54 4.84
C MET B 340 -0.98 9.54 4.82
N LEU B 341 -1.00 8.21 4.69
CA LEU B 341 -1.33 7.35 5.84
C LEU B 341 -0.34 7.53 6.99
N LEU B 342 0.96 7.60 6.66
CA LEU B 342 1.95 7.65 7.74
C LEU B 342 1.91 9.00 8.46
N GLN B 343 1.72 10.10 7.74
CA GLN B 343 1.66 11.41 8.40
C GLN B 343 0.43 11.49 9.30
N ARG B 344 -0.69 10.91 8.87
CA ARG B 344 -1.90 10.91 9.68
C ARG B 344 -1.73 10.08 10.95
N VAL B 345 -1.16 8.87 10.83
CA VAL B 345 -1.01 8.08 12.04
C VAL B 345 0.03 8.73 12.96
N GLY B 346 1.00 9.45 12.40
CA GLY B 346 2.01 10.07 13.23
C GLY B 346 1.60 11.38 13.85
N PHE B 347 0.79 12.17 13.15
CA PHE B 347 0.56 13.55 13.56
C PHE B 347 -0.89 14.00 13.52
N GLY B 348 -1.84 13.11 13.20
CA GLY B 348 -3.23 13.45 13.36
C GLY B 348 -3.99 13.63 12.07
N PRO B 349 -5.31 13.83 12.18
CA PRO B 349 -6.15 13.81 10.98
C PRO B 349 -5.93 14.98 10.01
N ASP B 350 -5.27 16.06 10.43
CA ASP B 350 -5.02 17.20 9.55
C ASP B 350 -3.62 17.18 8.95
N ALA B 351 -2.83 16.13 9.19
CA ALA B 351 -1.41 16.19 8.87
C ALA B 351 -1.14 16.04 7.38
N MET B 352 -2.04 15.39 6.64
CA MET B 352 -1.83 15.25 5.19
C MET B 352 -3.05 14.69 4.49
N ASN B 353 -3.56 15.43 3.50
CA ASN B 353 -4.69 14.95 2.69
C ASN B 353 -4.20 14.52 1.30
N ALA B 354 -5.15 14.11 0.45
CA ALA B 354 -4.78 13.54 -0.86
C ALA B 354 -4.06 14.58 -1.73
N ARG B 355 -4.59 15.80 -1.79
CA ARG B 355 -4.01 16.82 -2.67
C ARG B 355 -2.64 17.28 -2.17
N GLN B 356 -2.46 17.35 -0.85
CA GLN B 356 -1.13 17.65 -0.30
C GLN B 356 -0.13 16.54 -0.60
N ALA B 357 -0.54 15.28 -0.50
CA ALA B 357 0.37 14.20 -0.83
C ALA B 357 0.71 14.19 -2.32
N LEU B 358 -0.30 14.37 -3.18
CA LEU B 358 -0.05 14.38 -4.62
C LEU B 358 0.80 15.59 -5.02
N GLU B 359 0.68 16.70 -4.29
CA GLU B 359 1.54 17.85 -4.57
C GLU B 359 2.99 17.53 -4.27
N ILE B 360 3.26 16.86 -3.15
CA ILE B 360 4.62 16.41 -2.87
C ILE B 360 5.11 15.50 -3.98
N ALA B 361 4.25 14.61 -4.46
CA ALA B 361 4.64 13.66 -5.50
C ALA B 361 4.86 14.31 -6.85
N THR B 362 4.44 15.56 -7.04
CA THR B 362 4.58 16.23 -8.33
C THR B 362 5.39 17.51 -8.18
N ARG B 363 4.75 18.60 -7.78
CA ARG B 363 5.45 19.89 -7.64
C ARG B 363 6.63 19.76 -6.68
N GLY B 364 6.43 19.03 -5.58
CA GLY B 364 7.51 18.89 -4.60
C GLY B 364 8.73 18.21 -5.18
N GLY B 365 8.54 17.18 -5.99
CA GLY B 365 9.68 16.50 -6.59
C GLY B 365 10.42 17.37 -7.60
N ALA B 366 9.68 18.07 -8.46
CA ALA B 366 10.31 19.03 -9.37
C ALA B 366 11.15 19.99 -8.58
N LYS B 367 10.61 20.39 -7.44
CA LYS B 367 11.25 21.47 -6.69
C LYS B 367 12.62 20.97 -6.17
N VAL B 368 12.63 19.79 -5.52
CA VAL B 368 13.86 19.31 -4.88
C VAL B 368 14.88 18.90 -5.92
N LEU B 369 14.47 18.54 -7.14
CA LEU B 369 15.42 18.32 -8.24
C LEU B 369 15.85 19.62 -8.90
N ASN B 370 15.30 20.76 -8.46
CA ASN B 370 15.68 22.08 -8.96
C ASN B 370 15.28 22.30 -10.42
N ARG B 371 14.05 21.89 -10.77
CA ARG B 371 13.51 22.04 -12.13
C ARG B 371 12.19 22.79 -12.08
N ASP B 372 12.00 23.76 -12.96
CA ASP B 372 10.71 24.43 -13.05
C ASP B 372 9.94 24.04 -14.30
N ASP B 373 10.39 23.02 -15.05
CA ASP B 373 9.75 22.65 -16.31
C ASP B 373 8.95 21.36 -16.22
N ILE B 374 8.88 20.74 -15.04
CA ILE B 374 8.05 19.55 -14.81
C ILE B 374 7.30 19.78 -13.51
N GLY B 375 6.37 18.87 -13.21
CA GLY B 375 5.65 18.89 -11.95
C GLY B 375 4.22 19.40 -12.04
N TYR B 376 3.84 20.07 -13.13
CA TYR B 376 2.43 20.43 -13.33
C TYR B 376 2.16 20.64 -14.81
N LEU B 377 0.88 20.74 -15.14
CA LEU B 377 0.43 20.76 -16.53
C LEU B 377 -0.08 22.15 -16.89
N ALA B 378 0.66 22.84 -17.76
CA ALA B 378 0.32 24.17 -18.23
C ALA B 378 1.13 24.47 -19.48
N THR B 379 0.69 25.50 -20.21
CA THR B 379 1.40 25.93 -21.41
C THR B 379 2.90 26.08 -21.14
N GLY B 380 3.72 25.46 -22.00
CA GLY B 380 5.17 25.60 -21.90
C GLY B 380 5.85 24.62 -20.96
N MET B 381 5.08 23.85 -20.19
CA MET B 381 5.63 22.81 -19.34
C MET B 381 5.94 21.57 -20.18
N ALA B 382 6.83 20.73 -19.66
CA ALA B 382 7.13 19.45 -20.31
C ALA B 382 5.88 18.59 -20.40
N ALA B 383 5.75 17.89 -21.53
CA ALA B 383 4.62 16.98 -21.76
C ALA B 383 4.83 15.65 -21.03
N ASP B 384 4.69 15.69 -19.70
CA ASP B 384 4.81 14.54 -18.80
C ASP B 384 3.50 14.38 -18.06
N PHE B 385 2.75 13.30 -18.35
CA PHE B 385 1.51 13.08 -17.61
C PHE B 385 1.04 11.65 -17.77
N VAL B 386 0.16 11.24 -16.85
CA VAL B 386 -0.34 9.86 -16.85
C VAL B 386 -1.86 9.89 -16.66
N ALA B 387 -2.49 8.79 -17.04
CA ALA B 387 -3.94 8.62 -16.94
C ALA B 387 -4.23 7.28 -16.28
N PHE B 388 -5.14 7.30 -15.31
CA PHE B 388 -5.69 6.10 -14.70
C PHE B 388 -7.15 5.93 -15.13
N ASP B 389 -7.53 4.69 -15.46
CA ASP B 389 -8.93 4.38 -15.72
C ASP B 389 -9.73 4.44 -14.42
N LEU B 390 -10.79 5.25 -14.38
CA LEU B 390 -11.62 5.40 -13.20
C LEU B 390 -12.71 4.33 -13.07
N ASN B 391 -12.92 3.53 -14.12
CA ASN B 391 -14.00 2.55 -14.14
C ASN B 391 -13.51 1.14 -13.82
N THR B 392 -12.46 1.03 -13.02
CA THR B 392 -11.97 -0.25 -12.57
C THR B 392 -12.63 -0.66 -11.25
N LEU B 393 -12.50 -1.95 -10.93
CA LEU B 393 -12.97 -2.41 -9.62
C LEU B 393 -12.28 -1.66 -8.48
N ASN B 394 -10.97 -1.42 -8.60
CA ASN B 394 -10.21 -0.81 -7.51
C ASN B 394 -10.77 0.55 -7.10
N LEU B 395 -11.35 1.28 -8.06
CA LEU B 395 -11.87 2.62 -7.80
C LEU B 395 -13.40 2.67 -7.82
N ALA B 396 -14.07 1.51 -7.81
CA ALA B 396 -15.53 1.50 -7.81
C ALA B 396 -16.06 2.15 -6.54
N GLY B 397 -16.98 3.10 -6.69
CA GLY B 397 -17.51 3.85 -5.57
C GLY B 397 -16.69 5.05 -5.15
N ALA B 398 -15.61 5.35 -5.87
CA ALA B 398 -14.71 6.45 -5.54
C ALA B 398 -14.77 7.58 -6.56
N LYS B 399 -15.74 7.54 -7.49
CA LYS B 399 -15.78 8.63 -8.46
C LYS B 399 -16.30 9.94 -7.86
N HIS B 400 -16.70 9.95 -6.58
CA HIS B 400 -17.02 11.18 -5.86
C HIS B 400 -15.84 12.14 -5.82
N ASP B 401 -14.61 11.62 -5.93
CA ASP B 401 -13.42 12.48 -6.02
C ASP B 401 -12.33 11.66 -6.72
N PRO B 402 -12.23 11.75 -8.05
CA PRO B 402 -11.24 10.92 -8.75
C PRO B 402 -9.80 11.15 -8.30
N LEU B 403 -9.45 12.40 -7.96
CA LEU B 403 -8.09 12.67 -7.49
C LEU B 403 -7.82 11.95 -6.17
N ALA B 404 -8.68 12.19 -5.17
CA ALA B 404 -8.49 11.51 -3.89
C ALA B 404 -8.53 10.00 -4.04
N ALA B 405 -9.28 9.48 -5.02
CA ALA B 405 -9.36 8.04 -5.22
C ALA B 405 -7.99 7.41 -5.46
N LEU B 406 -7.09 8.13 -6.15
CA LEU B 406 -5.76 7.60 -6.41
C LEU B 406 -4.92 7.43 -5.13
N VAL B 407 -5.19 8.23 -4.10
CA VAL B 407 -4.42 8.23 -2.86
C VAL B 407 -5.12 7.40 -1.77
N PHE B 408 -6.44 7.46 -1.71
CA PHE B 408 -7.16 6.71 -0.68
C PHE B 408 -7.47 5.28 -1.08
N CYS B 409 -7.49 4.97 -2.37
CA CYS B 409 -7.68 3.60 -2.83
C CYS B 409 -6.35 3.05 -3.32
N THR B 410 -6.36 1.80 -3.81
CA THR B 410 -5.15 1.19 -4.37
C THR B 410 -5.40 0.93 -5.85
N PRO B 411 -5.11 1.89 -6.73
CA PRO B 411 -5.32 1.66 -8.16
C PRO B 411 -4.33 0.66 -8.71
N GLY B 412 -4.68 0.11 -9.87
CA GLY B 412 -3.74 -0.69 -10.61
C GLY B 412 -2.77 0.19 -11.39
N ASN B 413 -2.22 -0.39 -12.46
CA ASN B 413 -1.31 0.35 -13.33
C ASN B 413 -2.03 1.49 -14.05
N VAL B 414 -1.24 2.48 -14.49
CA VAL B 414 -1.77 3.53 -15.36
C VAL B 414 -2.22 2.90 -16.67
N ALA B 415 -3.18 3.58 -17.30
CA ALA B 415 -3.65 3.25 -18.64
C ALA B 415 -2.78 3.86 -19.72
N PHE B 416 -2.32 5.10 -19.51
CA PHE B 416 -1.50 5.81 -20.48
C PHE B 416 -0.43 6.58 -19.73
N SER B 417 0.72 6.74 -20.37
CA SER B 417 1.76 7.60 -19.85
C SER B 417 2.43 8.34 -21.00
N VAL B 418 2.68 9.62 -20.81
CA VAL B 418 3.38 10.45 -21.80
C VAL B 418 4.59 11.07 -21.10
N ILE B 419 5.77 10.91 -21.68
CA ILE B 419 6.99 11.48 -21.12
C ILE B 419 7.71 12.21 -22.23
N ASN B 420 7.93 13.52 -22.05
CA ASN B 420 8.58 14.33 -23.06
C ASN B 420 7.83 14.24 -24.40
N GLY B 421 6.50 14.13 -24.33
CA GLY B 421 5.67 14.03 -25.51
C GLY B 421 5.62 12.64 -26.15
N GLN B 422 6.41 11.69 -25.66
CA GLN B 422 6.37 10.34 -26.21
C GLN B 422 5.32 9.53 -25.44
N VAL B 423 4.46 8.81 -26.15
CA VAL B 423 3.46 7.95 -25.50
C VAL B 423 4.16 6.66 -25.11
N VAL B 424 4.59 6.55 -23.86
CA VAL B 424 5.42 5.42 -23.45
C VAL B 424 4.60 4.24 -22.92
N ILE B 425 3.37 4.49 -22.44
CA ILE B 425 2.47 3.42 -22.04
C ILE B 425 1.14 3.64 -22.73
N ARG B 426 0.63 2.58 -23.38
CA ARG B 426 -0.62 2.61 -24.12
C ARG B 426 -1.49 1.48 -23.63
N GLU B 427 -2.66 1.82 -23.09
CA GLU B 427 -3.59 0.83 -22.57
C GLU B 427 -2.87 -0.18 -21.65
N GLY B 428 -2.07 0.38 -20.73
CA GLY B 428 -1.40 -0.43 -19.74
C GLY B 428 -0.17 -1.16 -20.20
N VAL B 429 0.26 -0.98 -21.45
CA VAL B 429 1.37 -1.72 -22.04
C VAL B 429 2.54 -0.77 -22.28
N LEU B 430 3.69 -1.09 -21.70
CA LEU B 430 4.90 -0.31 -21.90
C LEU B 430 5.39 -0.47 -23.33
N GLN B 431 5.60 0.65 -24.00
CA GLN B 431 5.87 0.69 -25.44
C GLN B 431 7.34 0.76 -25.79
N THR B 432 8.21 1.20 -24.87
CA THR B 432 9.58 1.55 -25.19
C THR B 432 10.55 0.38 -25.04
N ILE B 433 10.14 -0.70 -24.38
CA ILE B 433 10.95 -1.90 -24.20
C ILE B 433 10.03 -3.09 -24.31
N ASP B 434 10.63 -4.26 -24.45
CA ASP B 434 9.93 -5.55 -24.38
C ASP B 434 9.92 -5.97 -22.92
N LEU B 435 8.90 -5.55 -22.18
CA LEU B 435 8.91 -5.74 -20.72
C LEU B 435 9.02 -7.20 -20.33
N PRO B 436 8.27 -8.14 -20.90
CA PRO B 436 8.45 -9.54 -20.49
C PRO B 436 9.87 -10.04 -20.70
N SER B 437 10.53 -9.62 -21.78
CA SER B 437 11.93 -10.01 -21.99
C SER B 437 12.83 -9.42 -20.92
N VAL B 438 12.64 -8.14 -20.59
CA VAL B 438 13.44 -7.50 -19.56
C VAL B 438 13.24 -8.16 -18.20
N VAL B 439 11.98 -8.46 -17.84
CA VAL B 439 11.72 -9.13 -16.56
C VAL B 439 12.39 -10.49 -16.52
N GLN B 440 12.31 -11.24 -17.62
CA GLN B 440 13.00 -12.53 -17.71
C GLN B 440 14.49 -12.38 -17.49
N GLN B 441 15.11 -11.42 -18.20
CA GLN B 441 16.55 -11.25 -18.07
C GLN B 441 16.91 -10.82 -16.66
N HIS B 442 16.09 -9.93 -16.10
CA HIS B 442 16.31 -9.44 -14.74
C HIS B 442 16.33 -10.58 -13.73
N ASN B 443 15.32 -11.46 -13.79
CA ASN B 443 15.26 -12.56 -12.82
C ASN B 443 16.40 -13.55 -13.01
N ARG B 444 16.84 -13.79 -14.24
CA ARG B 444 18.00 -14.66 -14.43
C ARG B 444 19.25 -14.01 -13.85
N LEU B 445 19.41 -12.69 -14.08
CA LEU B 445 20.56 -11.99 -13.53
C LEU B 445 20.51 -11.96 -12.01
N ALA B 446 19.32 -11.75 -11.44
CA ALA B 446 19.19 -11.75 -9.98
C ALA B 446 19.59 -13.10 -9.39
N CYS B 447 19.18 -14.18 -10.03
CA CYS B 447 19.56 -15.52 -9.59
C CYS B 447 21.07 -15.73 -9.72
N LEU B 448 21.67 -15.26 -10.81
CA LEU B 448 23.11 -15.38 -10.96
C LEU B 448 23.84 -14.59 -9.87
N LEU B 449 23.37 -13.36 -9.61
CA LEU B 449 24.00 -12.49 -8.63
C LEU B 449 24.01 -13.14 -7.24
N VAL B 450 22.85 -13.63 -6.79
CA VAL B 450 22.74 -14.11 -5.42
C VAL B 450 23.29 -15.53 -5.28
N ASN B 451 23.07 -16.38 -6.28
CA ASN B 451 23.56 -17.76 -6.26
C ASN B 451 24.75 -17.99 -7.19
#